data_4PL1
#
_entry.id   4PL1
#
_cell.length_a   55.627
_cell.length_b   55.729
_cell.length_c   254.032
_cell.angle_alpha   90.000
_cell.angle_beta   90.000
_cell.angle_gamma   90.000
#
_symmetry.space_group_name_H-M   'P 21 21 21'
#
loop_
_entity.id
_entity.type
_entity.pdbx_description
1 polymer 'Dual-specificity RNA methyltransferase RlmN'
2 non-polymer S-ADENOSYLMETHIONINE
3 non-polymer 'IRON/SULFUR CLUSTER'
#
_entity_poly.entity_id   1
_entity_poly.type   'polypeptide(L)'
_entity_poly.pdbx_seq_one_letter_code
;KINLLDLNRQQMREFFKDLGEKPFRADQVMKWMYHYCCDNFDEMTDINKVLRGKLKEVAEIRAPEVVEEQRSSDGTIKWA
IAVGDQRVETVYIPEDDRATLAVSSQVGCALECKFCSTAQQGFNRNLRVSEIIGQVWRAAKIVGAAKVTGQRPITNVVMM
GMGEPLLNLNNVVPAMEIMLDDFGFGLSKRRVTLSTSGVVPALDKLGDMIDVALAISLHAPNDEIRDEIVPINKKYNIET
FLAAVRRYLEKSNANQGRVTIEYVMLDHVNDGTEHAHQLAELLKDTPCKINLIPWNPFPGAPYGRSSNSRIDRFSKVLMS
YGFTTIVRKTRGDDIDAA(SMC)GQLAGDVIDRTKRTLRKRMQ
;
_entity_poly.pdbx_strand_id   B,A
#
# COMPACT_ATOMS: atom_id res chain seq x y z
N LYS A 1 -25.92 6.32 1.69
CA LYS A 1 -25.94 6.23 3.18
C LYS A 1 -24.60 5.73 3.73
N ILE A 2 -24.28 6.18 4.93
CA ILE A 2 -23.07 5.74 5.63
C ILE A 2 -23.33 4.35 6.22
N ASN A 3 -22.45 3.41 5.92
CA ASN A 3 -22.54 2.07 6.51
C ASN A 3 -21.90 2.08 7.90
N LEU A 4 -22.71 1.84 8.93
CA LEU A 4 -22.23 1.88 10.32
C LEU A 4 -21.24 0.77 10.65
N LEU A 5 -21.24 -0.30 9.84
CA LEU A 5 -20.30 -1.40 10.01
C LEU A 5 -18.87 -1.05 9.56
N ASP A 6 -18.69 0.10 8.91
CA ASP A 6 -17.35 0.58 8.56
C ASP A 6 -16.65 1.27 9.72
N LEU A 7 -17.40 1.63 10.76
CA LEU A 7 -16.89 2.48 11.84
C LEU A 7 -16.58 1.71 13.13
N ASN A 8 -15.48 2.08 13.77
CA ASN A 8 -15.19 1.66 15.16
C ASN A 8 -15.84 2.65 16.13
N ARG A 9 -15.74 2.38 17.44
CA ARG A 9 -16.43 3.21 18.44
C ARG A 9 -16.02 4.69 18.42
N GLN A 10 -14.72 4.95 18.27
CA GLN A 10 -14.23 6.34 18.17
C GLN A 10 -14.90 7.05 17.01
N GLN A 11 -14.89 6.39 15.85
CA GLN A 11 -15.48 6.94 14.63
C GLN A 11 -17.00 6.97 14.70
N MET A 12 -17.58 6.01 15.42
CA MET A 12 -19.02 5.92 15.62
C MET A 12 -19.51 7.07 16.50
N ARG A 13 -18.71 7.45 17.49
CA ARG A 13 -19.06 8.53 18.41
C ARG A 13 -19.04 9.90 17.71
N GLU A 14 -18.00 10.14 16.91
CA GLU A 14 -17.85 11.42 16.21
C GLU A 14 -18.91 11.62 15.12
N PHE A 15 -19.33 10.52 14.50
CA PHE A 15 -20.41 10.55 13.52
C PHE A 15 -21.70 11.05 14.19
N PHE A 16 -22.06 10.42 15.30
CA PHE A 16 -23.25 10.78 16.08
C PHE A 16 -23.15 12.22 16.63
N LYS A 17 -21.92 12.67 16.89
CA LYS A 17 -21.68 14.03 17.37
C LYS A 17 -22.04 15.07 16.30
N ASP A 18 -21.76 14.76 15.04
CA ASP A 18 -22.15 15.61 13.92
C ASP A 18 -23.67 15.57 13.68
N LEU A 19 -24.27 14.42 14.00
CA LEU A 19 -25.74 14.28 13.96
C LEU A 19 -26.46 15.06 15.05
N GLY A 20 -25.71 15.57 16.03
CA GLY A 20 -26.27 16.34 17.14
C GLY A 20 -26.73 15.45 18.27
N GLU A 21 -25.92 14.43 18.58
CA GLU A 21 -26.22 13.46 19.64
C GLU A 21 -25.02 13.29 20.55
N LYS A 22 -25.28 12.84 21.78
CA LYS A 22 -24.22 12.57 22.75
C LYS A 22 -23.56 11.22 22.48
N PRO A 23 -22.24 11.11 22.73
CA PRO A 23 -21.42 9.95 22.35
C PRO A 23 -22.03 8.57 22.65
N PHE A 24 -22.55 8.38 23.85
CA PHE A 24 -23.03 7.06 24.29
C PHE A 24 -24.23 6.51 23.52
N ARG A 25 -24.89 7.35 22.72
CA ARG A 25 -25.95 6.89 21.83
C ARG A 25 -25.41 6.03 20.69
N ALA A 26 -24.17 6.31 20.28
CA ALA A 26 -23.45 5.48 19.31
C ALA A 26 -23.13 4.12 19.92
N ASP A 27 -22.69 4.14 21.17
CA ASP A 27 -22.39 2.92 21.91
C ASP A 27 -23.65 2.08 22.05
N GLN A 28 -24.76 2.76 22.31
CA GLN A 28 -26.06 2.12 22.42
C GLN A 28 -26.47 1.49 21.08
N VAL A 29 -26.16 2.17 19.98
CA VAL A 29 -26.47 1.67 18.63
C VAL A 29 -25.58 0.49 18.25
N MET A 30 -24.28 0.58 18.54
CA MET A 30 -23.34 -0.54 18.33
C MET A 30 -23.84 -1.80 19.03
N LYS A 31 -24.28 -1.65 20.27
CA LYS A 31 -24.80 -2.75 21.08
C LYS A 31 -25.96 -3.47 20.38
N TRP A 32 -26.89 -2.71 19.80
CA TRP A 32 -27.96 -3.30 18.98
C TRP A 32 -27.40 -4.04 17.77
N MET A 33 -26.39 -3.45 17.13
CA MET A 33 -25.79 -4.04 15.94
C MET A 33 -25.10 -5.38 16.23
N TYR A 34 -24.28 -5.41 17.28
CA TYR A 34 -23.38 -6.55 17.51
C TYR A 34 -23.90 -7.57 18.53
N HIS A 35 -24.52 -7.10 19.60
CA HIS A 35 -25.06 -8.00 20.62
C HIS A 35 -26.35 -8.69 20.15
N TYR A 36 -27.15 -7.99 19.34
CA TYR A 36 -28.42 -8.50 18.84
C TYR A 36 -28.43 -8.81 17.34
N CYS A 37 -27.33 -8.50 16.65
CA CYS A 37 -27.23 -8.71 15.19
C CYS A 37 -28.38 -8.02 14.44
N CYS A 38 -28.61 -6.74 14.77
CA CYS A 38 -29.70 -5.97 14.19
C CYS A 38 -29.22 -5.03 13.10
N ASP A 39 -29.96 -4.99 12.00
CA ASP A 39 -29.68 -4.06 10.89
C ASP A 39 -30.91 -3.21 10.55
N ASN A 40 -31.82 -3.08 11.52
CA ASN A 40 -33.08 -2.35 11.32
C ASN A 40 -33.30 -1.35 12.46
N PHE A 41 -33.26 -0.07 12.12
CA PHE A 41 -33.41 1.02 13.10
C PHE A 41 -34.79 1.03 13.78
N ASP A 42 -35.80 0.47 13.11
CA ASP A 42 -37.14 0.35 13.70
C ASP A 42 -37.22 -0.71 14.81
N GLU A 43 -36.30 -1.67 14.80
CA GLU A 43 -36.26 -2.73 15.82
C GLU A 43 -35.59 -2.29 17.11
N MET A 44 -34.87 -1.16 17.08
CA MET A 44 -34.17 -0.63 18.24
C MET A 44 -35.13 0.14 19.13
N THR A 45 -35.71 -0.55 20.12
CA THR A 45 -36.79 0.02 20.94
C THR A 45 -36.35 1.13 21.87
N ASP A 46 -35.20 0.97 22.53
CA ASP A 46 -34.74 1.92 23.55
C ASP A 46 -34.02 3.15 22.98
N ILE A 47 -34.22 3.44 21.70
CA ILE A 47 -33.72 4.66 21.06
C ILE A 47 -34.91 5.54 20.68
N ASN A 48 -34.82 6.83 20.97
CA ASN A 48 -35.93 7.75 20.69
C ASN A 48 -36.21 7.88 19.20
N LYS A 49 -37.46 8.19 18.88
CA LYS A 49 -37.93 8.24 17.49
C LYS A 49 -37.18 9.28 16.65
N VAL A 50 -36.79 10.40 17.27
CA VAL A 50 -36.09 11.46 16.55
C VAL A 50 -34.73 10.96 16.05
N LEU A 51 -33.92 10.42 16.95
CA LEU A 51 -32.63 9.83 16.59
C LEU A 51 -32.79 8.72 15.56
N ARG A 52 -33.81 7.89 15.75
CA ARG A 52 -34.14 6.80 14.82
C ARG A 52 -34.38 7.32 13.40
N GLY A 53 -35.01 8.49 13.31
CA GLY A 53 -35.32 9.11 12.00
C GLY A 53 -34.09 9.64 11.29
N LYS A 54 -33.14 10.18 12.05
CA LYS A 54 -31.88 10.67 11.49
C LYS A 54 -31.05 9.53 10.92
N LEU A 55 -31.02 8.40 11.64
CA LEU A 55 -30.20 7.25 11.24
C LEU A 55 -30.67 6.60 9.94
N LYS A 56 -31.99 6.50 9.76
CA LYS A 56 -32.57 5.89 8.56
C LYS A 56 -32.31 6.71 7.30
N GLU A 57 -32.14 8.02 7.46
CA GLU A 57 -31.95 8.93 6.33
C GLU A 57 -30.51 8.93 5.80
N VAL A 58 -29.54 9.00 6.71
CA VAL A 58 -28.13 9.15 6.32
C VAL A 58 -27.26 7.90 6.56
N ALA A 59 -27.80 6.89 7.24
CA ALA A 59 -27.01 5.71 7.59
C ALA A 59 -27.71 4.39 7.26
N GLU A 60 -26.91 3.35 7.08
CA GLU A 60 -27.40 2.00 6.81
C GLU A 60 -26.60 0.98 7.63
N ILE A 61 -27.15 -0.22 7.78
CA ILE A 61 -26.42 -1.36 8.32
C ILE A 61 -26.45 -2.48 7.28
N ARG A 62 -25.49 -2.45 6.37
CA ARG A 62 -25.44 -3.40 5.26
C ARG A 62 -24.29 -4.39 5.45
N ALA A 63 -24.65 -5.62 5.82
CA ALA A 63 -23.66 -6.69 5.99
C ALA A 63 -23.57 -7.52 4.70
N PRO A 64 -22.40 -8.09 4.43
CA PRO A 64 -22.24 -8.96 3.26
C PRO A 64 -23.23 -10.12 3.26
N GLU A 65 -23.86 -10.38 2.11
CA GLU A 65 -24.88 -11.42 1.99
C GLU A 65 -24.23 -12.78 1.76
N VAL A 66 -24.83 -13.83 2.32
CA VAL A 66 -24.41 -15.21 2.02
C VAL A 66 -24.97 -15.62 0.66
N VAL A 67 -24.09 -15.97 -0.26
CA VAL A 67 -24.53 -16.49 -1.57
C VAL A 67 -24.57 -18.02 -1.57
N GLU A 68 -23.69 -18.66 -0.81
CA GLU A 68 -23.69 -20.12 -0.69
C GLU A 68 -23.34 -20.59 0.72
N GLU A 69 -23.84 -21.76 1.08
CA GLU A 69 -23.64 -22.33 2.42
C GLU A 69 -23.41 -23.84 2.34
N GLN A 70 -22.50 -24.32 3.18
CA GLN A 70 -22.22 -25.75 3.31
C GLN A 70 -22.07 -26.11 4.78
N ARG A 71 -22.94 -26.99 5.26
CA ARG A 71 -22.88 -27.47 6.64
C ARG A 71 -22.30 -28.87 6.70
N SER A 72 -21.24 -29.01 7.49
CA SER A 72 -20.56 -30.30 7.67
C SER A 72 -21.22 -31.10 8.78
N SER A 73 -20.86 -32.38 8.85
CA SER A 73 -21.38 -33.29 9.88
C SER A 73 -20.74 -33.08 11.24
N ASP A 74 -19.56 -32.45 11.27
CA ASP A 74 -18.87 -32.15 12.54
C ASP A 74 -19.21 -30.76 13.09
N GLY A 75 -20.20 -30.09 12.49
CA GLY A 75 -20.66 -28.78 12.95
C GLY A 75 -20.13 -27.61 12.14
N THR A 76 -18.99 -27.81 11.49
CA THR A 76 -18.34 -26.78 10.68
C THR A 76 -19.27 -26.24 9.59
N ILE A 77 -19.47 -24.92 9.58
CA ILE A 77 -20.23 -24.26 8.52
C ILE A 77 -19.27 -23.42 7.70
N LYS A 78 -19.41 -23.49 6.38
CA LYS A 78 -18.57 -22.72 5.45
C LYS A 78 -19.45 -21.88 4.54
N TRP A 79 -19.17 -20.58 4.47
CA TRP A 79 -19.97 -19.65 3.68
C TRP A 79 -19.18 -19.00 2.56
N ALA A 80 -19.85 -18.81 1.41
CA ALA A 80 -19.35 -17.95 0.35
C ALA A 80 -20.02 -16.59 0.54
N ILE A 81 -19.21 -15.57 0.77
CA ILE A 81 -19.70 -14.25 1.14
C ILE A 81 -19.58 -13.29 -0.05
N ALA A 82 -20.70 -12.71 -0.45
CA ALA A 82 -20.74 -11.74 -1.55
C ALA A 82 -20.24 -10.38 -1.09
N VAL A 83 -19.35 -9.79 -1.88
CA VAL A 83 -18.79 -8.47 -1.60
C VAL A 83 -18.71 -7.70 -2.92
N GLY A 84 -19.86 -7.15 -3.33
CA GLY A 84 -20.00 -6.56 -4.65
C GLY A 84 -20.01 -7.66 -5.70
N ASP A 85 -19.17 -7.50 -6.71
CA ASP A 85 -19.04 -8.50 -7.78
C ASP A 85 -18.36 -9.80 -7.32
N GLN A 86 -17.28 -9.67 -6.55
CA GLN A 86 -16.45 -10.82 -6.18
C GLN A 86 -16.96 -11.54 -4.92
N ARG A 87 -16.32 -12.66 -4.59
CA ARG A 87 -16.72 -13.48 -3.44
C ARG A 87 -15.54 -13.82 -2.52
N VAL A 88 -15.82 -13.88 -1.22
CA VAL A 88 -14.83 -14.33 -0.23
C VAL A 88 -15.44 -15.39 0.68
N GLU A 89 -14.62 -16.01 1.52
CA GLU A 89 -15.07 -17.11 2.38
C GLU A 89 -15.08 -16.78 3.86
N THR A 90 -15.99 -17.44 4.58
CA THR A 90 -16.03 -17.39 6.04
C THR A 90 -16.42 -18.77 6.57
N VAL A 91 -15.61 -19.31 7.47
CA VAL A 91 -15.83 -20.65 8.01
C VAL A 91 -16.12 -20.58 9.51
N TYR A 92 -17.23 -21.18 9.93
CA TYR A 92 -17.56 -21.34 11.35
C TYR A 92 -17.06 -22.73 11.78
N ILE A 93 -16.29 -22.77 12.85
CA ILE A 93 -15.72 -24.02 13.36
C ILE A 93 -16.07 -24.19 14.84
N PRO A 94 -17.10 -24.99 15.14
CA PRO A 94 -17.51 -25.19 16.53
C PRO A 94 -16.70 -26.29 17.22
N GLU A 95 -16.46 -26.11 18.52
CA GLU A 95 -15.72 -27.06 19.33
C GLU A 95 -16.44 -27.18 20.69
N ASP A 96 -15.79 -27.82 21.66
CA ASP A 96 -16.37 -27.98 22.99
C ASP A 96 -16.22 -26.71 23.83
N ASP A 97 -14.98 -26.22 23.94
CA ASP A 97 -14.67 -25.05 24.77
C ASP A 97 -14.66 -23.72 23.99
N ARG A 98 -14.37 -23.77 22.70
CA ARG A 98 -14.26 -22.59 21.85
C ARG A 98 -15.18 -22.65 20.64
N ALA A 99 -15.42 -21.50 20.03
CA ALA A 99 -16.14 -21.39 18.77
C ALA A 99 -15.40 -20.40 17.87
N THR A 100 -14.81 -20.93 16.79
CA THR A 100 -13.83 -20.17 16.00
C THR A 100 -14.32 -19.78 14.61
N LEU A 101 -14.13 -18.52 14.25
CA LEU A 101 -14.51 -18.00 12.94
C LEU A 101 -13.26 -17.65 12.15
N ALA A 102 -13.16 -18.17 10.92
CA ALA A 102 -12.09 -17.81 10.00
C ALA A 102 -12.56 -16.72 9.04
N VAL A 103 -11.97 -15.53 9.17
CA VAL A 103 -12.41 -14.36 8.41
C VAL A 103 -11.41 -14.01 7.30
N SER A 104 -11.94 -13.59 6.15
CA SER A 104 -11.13 -13.18 5.00
C SER A 104 -10.74 -11.70 5.11
N SER A 105 -9.56 -11.36 4.62
CA SER A 105 -9.03 -10.00 4.67
C SER A 105 -9.07 -9.30 3.32
N GLN A 106 -8.94 -10.06 2.24
CA GLN A 106 -8.87 -9.51 0.88
C GLN A 106 -9.63 -10.37 -0.12
N VAL A 107 -9.87 -9.80 -1.29
CA VAL A 107 -10.37 -10.54 -2.45
C VAL A 107 -9.15 -11.08 -3.19
N GLY A 108 -8.89 -12.38 -3.04
CA GLY A 108 -7.70 -13.00 -3.61
C GLY A 108 -6.47 -12.76 -2.74
N CYS A 109 -5.29 -12.99 -3.33
CA CYS A 109 -4.02 -12.72 -2.64
C CYS A 109 -2.88 -12.62 -3.66
N ALA A 110 -1.93 -11.72 -3.38
CA ALA A 110 -0.84 -11.41 -4.31
C ALA A 110 0.46 -12.16 -4.02
N LEU A 111 0.46 -13.04 -3.02
CA LEU A 111 1.71 -13.62 -2.50
C LEU A 111 2.08 -14.99 -3.08
N GLU A 112 1.18 -15.59 -3.85
CA GLU A 112 1.50 -16.72 -4.72
C GLU A 112 2.05 -17.99 -4.02
N CYS A 113 1.64 -18.22 -2.77
CA CYS A 113 1.99 -19.46 -2.08
C CYS A 113 1.47 -20.65 -2.89
N LYS A 114 2.37 -21.54 -3.28
CA LYS A 114 2.03 -22.63 -4.21
C LYS A 114 1.04 -23.66 -3.64
N PHE A 115 0.91 -23.71 -2.32
CA PHE A 115 0.02 -24.65 -1.64
C PHE A 115 -1.35 -24.06 -1.28
N CYS A 116 -1.61 -22.81 -1.69
CA CYS A 116 -2.87 -22.10 -1.39
C CYS A 116 -3.68 -21.95 -2.67
N SER A 117 -4.97 -22.28 -2.61
CA SER A 117 -5.83 -22.23 -3.80
C SER A 117 -6.18 -20.80 -4.20
N THR A 118 -6.08 -19.86 -3.26
CA THR A 118 -6.33 -18.44 -3.52
C THR A 118 -5.17 -17.78 -4.28
N ALA A 119 -3.99 -18.38 -4.18
CA ALA A 119 -2.80 -17.89 -4.88
C ALA A 119 -2.98 -17.86 -6.39
N GLN A 120 -3.50 -18.96 -6.95
CA GLN A 120 -3.68 -19.11 -8.39
C GLN A 120 -4.67 -18.09 -8.97
N GLN A 121 -5.60 -17.61 -8.15
CA GLN A 121 -6.54 -16.56 -8.54
C GLN A 121 -5.84 -15.22 -8.74
N GLY A 122 -4.95 -14.88 -7.81
CA GLY A 122 -4.29 -13.57 -7.82
C GLY A 122 -5.09 -12.55 -7.05
N PHE A 123 -4.48 -11.40 -6.79
CA PHE A 123 -5.10 -10.34 -6.00
C PHE A 123 -6.07 -9.50 -6.83
N ASN A 124 -7.23 -9.19 -6.27
CA ASN A 124 -8.23 -8.33 -6.92
C ASN A 124 -8.36 -6.98 -6.21
N ARG A 125 -8.73 -7.01 -4.93
CA ARG A 125 -8.83 -5.81 -4.11
C ARG A 125 -8.94 -6.16 -2.62
N ASN A 126 -8.63 -5.18 -1.76
CA ASN A 126 -8.81 -5.32 -0.32
C ASN A 126 -10.26 -5.08 0.08
N LEU A 127 -10.65 -5.66 1.22
CA LEU A 127 -12.01 -5.52 1.74
C LEU A 127 -12.14 -4.28 2.61
N ARG A 128 -13.36 -3.73 2.64
CA ARG A 128 -13.66 -2.59 3.51
C ARG A 128 -13.92 -3.06 4.94
N VAL A 129 -13.92 -2.13 5.89
CA VAL A 129 -14.12 -2.48 7.30
C VAL A 129 -15.46 -3.21 7.48
N SER A 130 -16.50 -2.70 6.84
CA SER A 130 -17.82 -3.34 6.88
C SER A 130 -17.79 -4.75 6.31
N GLU A 131 -16.95 -4.97 5.30
CA GLU A 131 -16.84 -6.27 4.65
C GLU A 131 -16.04 -7.30 5.46
N ILE A 132 -15.29 -6.84 6.46
CA ILE A 132 -14.50 -7.73 7.32
C ILE A 132 -15.24 -8.06 8.61
N ILE A 133 -15.71 -7.01 9.30
CA ILE A 133 -16.49 -7.20 10.53
C ILE A 133 -17.90 -7.71 10.21
N GLY A 134 -18.38 -7.41 9.01
CA GLY A 134 -19.68 -7.89 8.53
C GLY A 134 -19.73 -9.38 8.27
N GLN A 135 -18.56 -10.00 8.09
CA GLN A 135 -18.46 -11.46 8.06
C GLN A 135 -18.78 -12.03 9.45
N VAL A 136 -18.31 -11.35 10.49
CA VAL A 136 -18.55 -11.78 11.87
C VAL A 136 -20.01 -11.53 12.24
N TRP A 137 -20.50 -10.33 11.95
CA TRP A 137 -21.90 -9.97 12.12
C TRP A 137 -22.82 -11.00 11.47
N ARG A 138 -22.60 -11.27 10.20
CA ARG A 138 -23.42 -12.20 9.43
C ARG A 138 -23.34 -13.62 10.00
N ALA A 139 -22.13 -14.05 10.38
CA ALA A 139 -21.93 -15.36 10.98
C ALA A 139 -22.62 -15.44 12.34
N ALA A 140 -22.46 -14.40 13.15
CA ALA A 140 -23.08 -14.32 14.47
C ALA A 140 -24.61 -14.39 14.37
N LYS A 141 -25.18 -13.65 13.42
CA LYS A 141 -26.63 -13.62 13.23
C LYS A 141 -27.18 -15.02 12.90
N ILE A 142 -26.60 -15.64 11.88
CA ILE A 142 -27.07 -16.94 11.38
C ILE A 142 -26.85 -18.04 12.44
N VAL A 143 -25.71 -18.00 13.12
CA VAL A 143 -25.43 -18.93 14.22
C VAL A 143 -26.34 -18.64 15.41
N GLY A 144 -26.52 -17.35 15.72
CA GLY A 144 -27.38 -16.91 16.81
C GLY A 144 -26.71 -15.89 17.71
N ALA A 145 -27.14 -14.64 17.60
CA ALA A 145 -26.58 -13.53 18.38
C ALA A 145 -26.63 -13.81 19.89
N ALA A 146 -25.66 -13.27 20.62
CA ALA A 146 -25.51 -13.53 22.06
C ALA A 146 -26.74 -13.17 22.90
N LYS A 147 -27.26 -11.96 22.71
CA LYS A 147 -28.42 -11.49 23.48
C LYS A 147 -29.75 -11.98 22.92
N VAL A 148 -29.72 -12.69 21.79
CA VAL A 148 -30.91 -13.36 21.25
C VAL A 148 -30.99 -14.81 21.76
N THR A 149 -29.87 -15.53 21.69
CA THR A 149 -29.83 -16.95 22.04
C THR A 149 -29.43 -17.22 23.49
N GLY A 150 -28.72 -16.28 24.10
CA GLY A 150 -28.22 -16.45 25.46
C GLY A 150 -26.76 -16.91 25.51
N GLN A 151 -26.33 -17.58 24.44
CA GLN A 151 -24.95 -18.04 24.31
C GLN A 151 -24.26 -17.23 23.22
N ARG A 152 -23.00 -16.86 23.46
CA ARG A 152 -22.21 -16.21 22.42
C ARG A 152 -22.03 -17.15 21.24
N PRO A 153 -22.25 -16.66 20.01
CA PRO A 153 -22.04 -17.50 18.83
C PRO A 153 -20.56 -17.76 18.55
N ILE A 154 -19.73 -16.73 18.70
CA ILE A 154 -18.33 -16.77 18.28
C ILE A 154 -17.44 -16.30 19.42
N THR A 155 -16.59 -17.20 19.93
CA THR A 155 -15.68 -16.87 21.03
C THR A 155 -14.25 -16.62 20.57
N ASN A 156 -13.94 -16.99 19.33
CA ASN A 156 -12.58 -16.90 18.80
C ASN A 156 -12.61 -16.44 17.36
N VAL A 157 -11.75 -15.48 17.01
CA VAL A 157 -11.66 -15.00 15.63
C VAL A 157 -10.22 -15.05 15.14
N VAL A 158 -10.03 -15.66 13.98
CA VAL A 158 -8.71 -15.80 13.35
C VAL A 158 -8.77 -15.23 11.93
N MET A 159 -7.85 -14.34 11.60
CA MET A 159 -7.78 -13.74 10.26
C MET A 159 -7.04 -14.69 9.31
N MET A 160 -7.63 -15.86 9.07
CA MET A 160 -6.99 -16.93 8.30
C MET A 160 -7.82 -17.32 7.08
N GLY A 161 -8.72 -16.43 6.65
CA GLY A 161 -9.45 -16.61 5.40
C GLY A 161 -8.61 -16.10 4.23
N MET A 162 -9.27 -15.81 3.12
CA MET A 162 -8.57 -15.32 1.92
C MET A 162 -7.90 -13.98 2.18
N GLY A 163 -6.66 -13.85 1.71
CA GLY A 163 -5.91 -12.60 1.76
C GLY A 163 -4.79 -12.59 2.79
N GLU A 164 -3.90 -11.61 2.65
CA GLU A 164 -2.85 -11.35 3.63
C GLU A 164 -3.24 -10.13 4.46
N PRO A 165 -3.58 -10.34 5.75
CA PRO A 165 -4.04 -9.25 6.62
C PRO A 165 -3.13 -8.02 6.63
N LEU A 166 -1.82 -8.23 6.77
CA LEU A 166 -0.87 -7.12 6.93
C LEU A 166 -0.76 -6.18 5.72
N LEU A 167 -1.30 -6.59 4.57
CA LEU A 167 -1.39 -5.72 3.39
C LEU A 167 -2.73 -5.00 3.31
N ASN A 168 -3.45 -4.97 4.43
CA ASN A 168 -4.74 -4.29 4.53
C ASN A 168 -4.96 -3.74 5.95
N LEU A 169 -3.89 -3.18 6.51
CA LEU A 169 -3.90 -2.68 7.90
C LEU A 169 -4.96 -1.62 8.17
N ASN A 170 -5.19 -0.75 7.20
CA ASN A 170 -6.16 0.36 7.36
C ASN A 170 -7.59 -0.12 7.61
N ASN A 171 -7.96 -1.26 7.02
CA ASN A 171 -9.29 -1.85 7.22
C ASN A 171 -9.33 -3.00 8.24
N VAL A 172 -8.21 -3.71 8.41
CA VAL A 172 -8.17 -4.88 9.30
C VAL A 172 -8.10 -4.47 10.78
N VAL A 173 -7.31 -3.44 11.08
CA VAL A 173 -7.17 -2.99 12.47
C VAL A 173 -8.50 -2.48 13.04
N PRO A 174 -9.13 -1.47 12.40
CA PRO A 174 -10.43 -1.01 12.92
C PRO A 174 -11.46 -2.13 13.07
N ALA A 175 -11.49 -3.06 12.11
CA ALA A 175 -12.39 -4.22 12.19
C ALA A 175 -12.08 -5.08 13.41
N MET A 176 -10.80 -5.25 13.72
CA MET A 176 -10.37 -5.99 14.91
C MET A 176 -10.67 -5.23 16.20
N GLU A 177 -10.58 -3.90 16.15
CA GLU A 177 -10.96 -3.07 17.31
C GLU A 177 -12.42 -3.31 17.69
N ILE A 178 -13.28 -3.50 16.68
CA ILE A 178 -14.70 -3.79 16.90
C ILE A 178 -14.90 -5.19 17.51
N MET A 179 -14.06 -6.14 17.11
CA MET A 179 -14.08 -7.48 17.69
C MET A 179 -13.71 -7.41 19.18
N LEU A 180 -12.68 -6.62 19.48
CA LEU A 180 -12.19 -6.44 20.84
C LEU A 180 -13.14 -5.62 21.72
N ASP A 181 -13.88 -4.71 21.09
CA ASP A 181 -14.74 -3.75 21.79
C ASP A 181 -15.86 -4.43 22.56
N ASP A 182 -16.14 -3.95 23.77
CA ASP A 182 -17.20 -4.50 24.61
C ASP A 182 -18.59 -4.29 23.99
N PHE A 183 -18.79 -3.13 23.36
CA PHE A 183 -20.04 -2.83 22.67
C PHE A 183 -20.08 -3.48 21.28
N GLY A 184 -18.93 -3.99 20.84
CA GLY A 184 -18.86 -4.85 19.67
C GLY A 184 -19.05 -6.29 20.09
N PHE A 185 -18.12 -7.16 19.70
CA PHE A 185 -18.21 -8.59 20.02
C PHE A 185 -17.55 -8.96 21.35
N GLY A 186 -16.98 -7.98 22.04
CA GLY A 186 -16.46 -8.16 23.39
C GLY A 186 -15.46 -9.29 23.55
N LEU A 187 -14.58 -9.45 22.57
CA LEU A 187 -13.61 -10.55 22.58
C LEU A 187 -12.32 -10.13 23.25
N SER A 188 -11.71 -11.07 23.98
CA SER A 188 -10.38 -10.90 24.53
C SER A 188 -9.37 -10.83 23.40
N LYS A 189 -8.27 -10.11 23.61
CA LYS A 189 -7.19 -10.05 22.63
C LYS A 189 -6.46 -11.40 22.45
N ARG A 190 -6.66 -12.32 23.39
CA ARG A 190 -6.20 -13.70 23.22
C ARG A 190 -7.06 -14.43 22.19
N ARG A 191 -8.31 -13.98 22.03
CA ARG A 191 -9.27 -14.60 21.12
C ARG A 191 -9.37 -13.92 19.75
N VAL A 192 -8.50 -12.96 19.48
CA VAL A 192 -8.40 -12.32 18.16
C VAL A 192 -6.99 -12.55 17.63
N THR A 193 -6.90 -13.36 16.56
CA THR A 193 -5.61 -13.82 16.03
C THR A 193 -5.43 -13.34 14.59
N LEU A 194 -4.29 -12.71 14.31
CA LEU A 194 -3.94 -12.29 12.97
C LEU A 194 -2.83 -13.18 12.45
N SER A 195 -3.06 -13.81 11.29
CA SER A 195 -2.08 -14.67 10.67
C SER A 195 -1.39 -13.92 9.52
N THR A 196 -0.08 -14.11 9.39
CA THR A 196 0.68 -13.42 8.36
C THR A 196 1.82 -14.28 7.81
N SER A 197 2.03 -14.18 6.50
CA SER A 197 3.12 -14.88 5.84
C SER A 197 4.46 -14.20 6.09
N GLY A 198 4.43 -12.93 6.51
CA GLY A 198 5.63 -12.20 6.90
C GLY A 198 5.90 -10.95 6.09
N VAL A 199 5.01 -9.98 6.19
CA VAL A 199 5.25 -8.65 5.63
C VAL A 199 5.85 -7.80 6.76
N VAL A 200 7.18 -7.87 6.87
CA VAL A 200 7.88 -7.38 8.07
C VAL A 200 7.59 -5.91 8.41
N PRO A 201 7.85 -4.98 7.46
CA PRO A 201 7.60 -3.56 7.79
C PRO A 201 6.19 -3.30 8.32
N ALA A 202 5.18 -3.94 7.73
CA ALA A 202 3.80 -3.82 8.18
C ALA A 202 3.58 -4.42 9.58
N LEU A 203 4.28 -5.52 9.86
CA LEU A 203 4.21 -6.18 11.17
C LEU A 203 4.76 -5.27 12.28
N ASP A 204 5.85 -4.57 12.01
CA ASP A 204 6.37 -3.56 12.94
C ASP A 204 5.35 -2.44 13.17
N LYS A 205 4.62 -2.11 12.11
CA LYS A 205 3.57 -1.08 12.18
C LYS A 205 2.35 -1.57 12.97
N LEU A 206 1.96 -2.83 12.76
CA LEU A 206 0.81 -3.42 13.46
C LEU A 206 0.94 -3.30 14.98
N GLY A 207 2.15 -3.54 15.49
CA GLY A 207 2.41 -3.48 16.93
C GLY A 207 2.33 -2.09 17.53
N ASP A 208 2.48 -1.07 16.69
CA ASP A 208 2.37 0.33 17.12
C ASP A 208 0.92 0.79 17.23
N MET A 209 0.00 0.10 16.55
CA MET A 209 -1.39 0.54 16.46
C MET A 209 -2.42 -0.40 17.10
N ILE A 210 -2.04 -1.63 17.40
CA ILE A 210 -2.94 -2.56 18.10
C ILE A 210 -2.19 -3.76 18.71
N ASP A 211 -2.77 -4.32 19.77
CA ASP A 211 -2.28 -5.53 20.42
C ASP A 211 -3.28 -6.68 20.22
N VAL A 212 -2.92 -7.63 19.35
CA VAL A 212 -3.71 -8.85 19.14
C VAL A 212 -2.80 -10.08 19.13
N ALA A 213 -3.38 -11.27 19.09
CA ALA A 213 -2.62 -12.52 19.06
C ALA A 213 -2.01 -12.74 17.68
N LEU A 214 -0.70 -12.99 17.64
CA LEU A 214 0.00 -13.21 16.39
C LEU A 214 0.20 -14.69 16.13
N ALA A 215 -0.05 -15.10 14.88
CA ALA A 215 0.30 -16.42 14.40
C ALA A 215 1.05 -16.26 13.08
N ILE A 216 2.22 -16.89 12.98
CA ILE A 216 3.03 -16.79 11.76
C ILE A 216 2.87 -18.05 10.89
N SER A 217 2.90 -17.84 9.58
CA SER A 217 2.83 -18.93 8.62
C SER A 217 4.24 -19.22 8.11
N LEU A 218 4.89 -20.20 8.74
CA LEU A 218 6.30 -20.47 8.50
C LEU A 218 6.49 -21.53 7.40
N HIS A 219 6.04 -22.75 7.67
CA HIS A 219 6.01 -23.84 6.67
C HIS A 219 7.38 -24.36 6.20
N ALA A 220 8.48 -23.99 6.85
CA ALA A 220 9.79 -24.45 6.40
C ALA A 220 10.88 -24.36 7.48
N PRO A 221 11.87 -25.26 7.43
CA PRO A 221 13.01 -25.18 8.35
C PRO A 221 14.06 -24.15 7.92
N ASN A 222 14.13 -23.84 6.63
CA ASN A 222 15.16 -22.96 6.07
C ASN A 222 14.65 -22.08 4.94
N ASP A 223 15.52 -21.19 4.45
CA ASP A 223 15.15 -20.23 3.41
C ASP A 223 15.08 -20.85 2.02
N GLU A 224 15.86 -21.88 1.76
CA GLU A 224 15.86 -22.55 0.46
C GLU A 224 14.50 -23.17 0.14
N ILE A 225 13.90 -23.80 1.15
CA ILE A 225 12.59 -24.43 0.99
C ILE A 225 11.46 -23.39 1.02
N ARG A 226 11.60 -22.36 1.85
CA ARG A 226 10.53 -21.37 2.00
C ARG A 226 10.40 -20.45 0.80
N ASP A 227 11.51 -20.17 0.11
CA ASP A 227 11.46 -19.41 -1.15
C ASP A 227 10.51 -20.08 -2.15
N GLU A 228 10.47 -21.41 -2.13
CA GLU A 228 9.58 -22.18 -2.98
C GLU A 228 8.14 -22.20 -2.45
N ILE A 229 8.00 -22.43 -1.13
CA ILE A 229 6.68 -22.57 -0.51
C ILE A 229 6.01 -21.21 -0.31
N VAL A 230 6.70 -20.30 0.38
CA VAL A 230 6.17 -18.97 0.69
C VAL A 230 7.06 -17.90 0.07
N PRO A 231 6.75 -17.46 -1.17
CA PRO A 231 7.55 -16.49 -1.95
C PRO A 231 8.00 -15.21 -1.23
N ILE A 232 7.20 -14.71 -0.30
CA ILE A 232 7.58 -13.49 0.45
C ILE A 232 8.90 -13.66 1.23
N ASN A 233 9.31 -14.91 1.46
CA ASN A 233 10.61 -15.20 2.04
C ASN A 233 11.79 -14.67 1.22
N LYS A 234 11.58 -14.51 -0.09
CA LYS A 234 12.57 -13.90 -0.97
C LYS A 234 12.83 -12.43 -0.61
N LYS A 235 11.81 -11.75 -0.10
CA LYS A 235 11.90 -10.34 0.26
C LYS A 235 12.32 -10.20 1.72
N TYR A 236 11.60 -10.89 2.60
CA TYR A 236 11.89 -10.90 4.03
C TYR A 236 12.08 -12.35 4.49
N ASN A 237 13.33 -12.74 4.67
CA ASN A 237 13.67 -14.13 5.00
C ASN A 237 13.30 -14.50 6.45
N ILE A 238 13.55 -15.75 6.83
CA ILE A 238 13.06 -16.31 8.11
C ILE A 238 13.60 -15.55 9.33
N GLU A 239 14.89 -15.24 9.31
CA GLU A 239 15.52 -14.57 10.44
C GLU A 239 15.09 -13.09 10.54
N THR A 240 14.78 -12.49 9.39
CA THR A 240 14.21 -11.16 9.36
C THR A 240 12.78 -11.19 9.90
N PHE A 241 12.07 -12.27 9.60
CA PHE A 241 10.70 -12.46 10.06
C PHE A 241 10.67 -12.82 11.55
N LEU A 242 11.57 -13.68 12.00
CA LEU A 242 11.68 -14.04 13.42
C LEU A 242 12.05 -12.84 14.29
N ALA A 243 13.00 -12.02 13.81
CA ALA A 243 13.39 -10.80 14.52
C ALA A 243 12.25 -9.79 14.60
N ALA A 244 11.42 -9.74 13.57
CA ALA A 244 10.24 -8.89 13.56
C ALA A 244 9.19 -9.38 14.56
N VAL A 245 9.13 -10.69 14.75
CA VAL A 245 8.19 -11.30 15.69
C VAL A 245 8.56 -10.99 17.13
N ARG A 246 9.86 -11.00 17.44
CA ARG A 246 10.34 -10.64 18.78
C ARG A 246 10.04 -9.17 19.10
N ARG A 247 10.21 -8.30 18.10
CA ARG A 247 9.90 -6.87 18.28
C ARG A 247 8.41 -6.64 18.56
N TYR A 248 7.56 -7.47 17.97
CA TYR A 248 6.12 -7.38 18.20
C TYR A 248 5.74 -7.83 19.62
N LEU A 249 6.36 -8.92 20.09
CA LEU A 249 6.07 -9.47 21.41
C LEU A 249 6.51 -8.55 22.55
N GLU A 250 7.50 -7.69 22.30
CA GLU A 250 7.93 -6.69 23.29
C GLU A 250 6.86 -5.63 23.53
N LYS A 251 5.98 -5.47 22.54
CA LYS A 251 4.84 -4.53 22.61
C LYS A 251 3.53 -5.26 22.92
N SER A 252 3.41 -6.51 22.46
CA SER A 252 2.18 -7.30 22.60
C SER A 252 2.23 -8.25 23.79
N ASN A 253 1.09 -8.41 24.46
CA ASN A 253 0.95 -9.45 25.48
C ASN A 253 -0.32 -10.30 25.28
N ALA A 254 -0.80 -10.35 24.04
CA ALA A 254 -1.95 -11.20 23.69
C ALA A 254 -1.49 -12.65 23.52
N ASN A 255 -0.29 -12.83 22.99
CA ASN A 255 0.33 -14.15 22.86
C ASN A 255 0.84 -14.70 24.18
N GLN A 256 1.02 -13.84 25.17
CA GLN A 256 1.61 -14.21 26.45
C GLN A 256 3.05 -14.70 26.28
N GLY A 257 3.79 -13.98 25.44
CA GLY A 257 5.22 -14.26 25.22
C GLY A 257 5.54 -15.45 24.33
N ARG A 258 4.51 -16.04 23.71
CA ARG A 258 4.68 -17.24 22.89
C ARG A 258 3.87 -17.12 21.60
N VAL A 259 4.55 -16.86 20.49
CA VAL A 259 3.90 -16.73 19.18
C VAL A 259 3.42 -18.09 18.66
N THR A 260 2.29 -18.10 17.98
CA THR A 260 1.78 -19.30 17.35
C THR A 260 2.48 -19.50 16.01
N ILE A 261 2.95 -20.72 15.74
CA ILE A 261 3.62 -21.04 14.49
C ILE A 261 2.79 -22.03 13.69
N GLU A 262 2.31 -21.59 12.53
CA GLU A 262 1.57 -22.46 11.61
C GLU A 262 2.57 -23.22 10.73
N TYR A 263 2.31 -24.51 10.53
CA TYR A 263 3.21 -25.35 9.76
C TYR A 263 2.45 -26.48 9.04
N VAL A 264 2.09 -26.22 7.79
CA VAL A 264 1.39 -27.18 6.96
C VAL A 264 2.30 -28.37 6.59
N MET A 265 1.71 -29.54 6.41
CA MET A 265 2.46 -30.76 6.17
C MET A 265 2.30 -31.25 4.72
N LEU A 266 3.33 -31.02 3.91
CA LEU A 266 3.32 -31.35 2.49
C LEU A 266 4.21 -32.57 2.23
N ASP A 267 3.70 -33.52 1.45
CA ASP A 267 4.34 -34.82 1.24
C ASP A 267 5.75 -34.71 0.63
N HIS A 268 6.76 -35.11 1.41
CA HIS A 268 8.17 -35.12 0.97
C HIS A 268 8.72 -33.76 0.53
N VAL A 269 8.17 -32.67 1.08
CA VAL A 269 8.70 -31.34 0.88
C VAL A 269 9.26 -30.78 2.19
N ASN A 270 8.48 -30.89 3.25
CA ASN A 270 8.82 -30.28 4.53
C ASN A 270 8.40 -31.10 5.76
N ASP A 271 8.27 -32.42 5.59
CA ASP A 271 7.68 -33.28 6.64
C ASP A 271 8.56 -34.42 7.16
N GLY A 272 9.74 -34.60 6.58
CA GLY A 272 10.73 -35.56 7.10
C GLY A 272 11.32 -35.13 8.43
N THR A 273 11.96 -36.07 9.12
CA THR A 273 12.57 -35.78 10.42
C THR A 273 13.73 -34.78 10.33
N GLU A 274 14.43 -34.77 9.20
CA GLU A 274 15.53 -33.82 8.98
C GLU A 274 15.04 -32.37 8.94
N HIS A 275 13.79 -32.18 8.52
CA HIS A 275 13.16 -30.85 8.54
C HIS A 275 12.76 -30.46 9.96
N ALA A 276 12.26 -31.43 10.73
CA ALA A 276 11.93 -31.21 12.14
C ALA A 276 13.16 -30.77 12.96
N HIS A 277 14.29 -31.44 12.74
CA HIS A 277 15.53 -31.11 13.44
C HIS A 277 15.98 -29.68 13.13
N GLN A 278 16.05 -29.34 11.84
CA GLN A 278 16.38 -28.00 11.39
C GLN A 278 15.45 -26.94 12.00
N LEU A 279 14.15 -27.22 11.98
CA LEU A 279 13.15 -26.31 12.54
C LEU A 279 13.31 -26.11 14.05
N ALA A 280 13.70 -27.16 14.76
CA ALA A 280 13.93 -27.08 16.20
C ALA A 280 15.09 -26.14 16.53
N GLU A 281 16.19 -26.29 15.79
CA GLU A 281 17.36 -25.43 15.94
C GLU A 281 17.02 -23.97 15.58
N LEU A 282 16.23 -23.80 14.52
CA LEU A 282 15.82 -22.48 14.05
C LEU A 282 15.13 -21.65 15.13
N LEU A 283 14.23 -22.30 15.89
CA LEU A 283 13.36 -21.60 16.84
C LEU A 283 13.85 -21.66 18.30
N LYS A 284 15.09 -22.08 18.51
CA LYS A 284 15.62 -22.27 19.87
C LYS A 284 15.54 -21.03 20.77
N ASP A 285 15.59 -19.85 20.15
CA ASP A 285 15.52 -18.58 20.88
C ASP A 285 14.10 -18.01 21.00
N THR A 286 13.24 -18.34 20.03
CA THR A 286 11.88 -17.81 19.98
C THR A 286 10.88 -18.73 20.69
N PRO A 287 10.25 -18.26 21.79
CA PRO A 287 9.21 -19.08 22.43
C PRO A 287 7.95 -19.15 21.57
N CYS A 288 7.32 -20.32 21.51
CA CYS A 288 6.22 -20.52 20.58
C CYS A 288 5.34 -21.75 20.87
N LYS A 289 4.18 -21.77 20.23
CA LYS A 289 3.33 -22.96 20.11
C LYS A 289 3.30 -23.34 18.63
N ILE A 290 3.64 -24.58 18.30
CA ILE A 290 3.69 -25.03 16.92
C ILE A 290 2.44 -25.81 16.55
N ASN A 291 1.63 -25.25 15.64
CA ASN A 291 0.48 -25.96 15.09
C ASN A 291 0.88 -26.66 13.80
N LEU A 292 0.78 -27.99 13.78
CA LEU A 292 1.00 -28.78 12.58
C LEU A 292 -0.34 -29.01 11.89
N ILE A 293 -0.53 -28.37 10.74
CA ILE A 293 -1.79 -28.43 10.01
C ILE A 293 -1.67 -29.43 8.87
N PRO A 294 -2.56 -30.43 8.83
CA PRO A 294 -2.62 -31.29 7.64
C PRO A 294 -3.10 -30.50 6.43
N TRP A 295 -2.43 -30.71 5.29
CA TRP A 295 -2.77 -30.00 4.07
C TRP A 295 -4.07 -30.54 3.48
N ASN A 296 -5.07 -29.68 3.41
CA ASN A 296 -6.33 -29.98 2.72
C ASN A 296 -6.12 -29.88 1.22
N PRO A 297 -6.24 -31.02 0.50
CA PRO A 297 -5.97 -30.97 -0.95
C PRO A 297 -7.03 -30.22 -1.75
N PHE A 298 -6.68 -29.85 -2.97
CA PHE A 298 -7.62 -29.30 -3.93
C PHE A 298 -7.08 -29.49 -5.36
N PRO A 299 -7.96 -29.55 -6.36
CA PRO A 299 -7.51 -29.82 -7.73
C PRO A 299 -6.57 -28.74 -8.29
N GLY A 300 -5.44 -29.17 -8.86
CA GLY A 300 -4.49 -28.24 -9.50
C GLY A 300 -3.14 -28.11 -8.82
N ALA A 301 -3.12 -28.26 -7.50
CA ALA A 301 -1.90 -28.06 -6.70
C ALA A 301 -0.88 -29.20 -6.89
N PRO A 302 0.42 -28.86 -6.93
CA PRO A 302 1.47 -29.85 -7.12
C PRO A 302 2.01 -30.41 -5.80
N TYR A 303 1.11 -30.80 -4.90
CA TYR A 303 1.49 -31.35 -3.60
C TYR A 303 0.53 -32.45 -3.19
N GLY A 304 0.95 -33.25 -2.23
CA GLY A 304 0.10 -34.27 -1.63
C GLY A 304 0.02 -34.06 -0.13
N ARG A 305 -1.03 -34.59 0.49
CA ARG A 305 -1.18 -34.54 1.94
C ARG A 305 -0.20 -35.51 2.57
N SER A 306 0.42 -35.09 3.67
CA SER A 306 1.38 -35.92 4.39
C SER A 306 0.65 -37.01 5.16
N SER A 307 1.18 -38.23 5.09
CA SER A 307 0.65 -39.34 5.88
C SER A 307 0.77 -39.02 7.36
N ASN A 308 -0.22 -39.47 8.13
CA ASN A 308 -0.29 -39.15 9.57
C ASN A 308 0.85 -39.75 10.39
N SER A 309 1.47 -40.83 9.91
CA SER A 309 2.63 -41.41 10.58
C SER A 309 3.82 -40.45 10.51
N ARG A 310 4.04 -39.85 9.35
CA ARG A 310 5.10 -38.85 9.17
C ARG A 310 4.84 -37.57 9.97
N ILE A 311 3.56 -37.25 10.19
CA ILE A 311 3.16 -36.11 11.01
C ILE A 311 3.46 -36.38 12.49
N ASP A 312 3.33 -37.63 12.92
CA ASP A 312 3.64 -38.03 14.29
C ASP A 312 5.14 -38.00 14.58
N ARG A 313 5.94 -38.50 13.64
CA ARG A 313 7.39 -38.49 13.76
C ARG A 313 7.89 -37.05 13.82
N PHE A 314 7.44 -36.24 12.86
CA PHE A 314 7.75 -34.81 12.82
C PHE A 314 7.39 -34.13 14.13
N SER A 315 6.20 -34.44 14.66
CA SER A 315 5.74 -33.88 15.93
C SER A 315 6.59 -34.34 17.12
N LYS A 316 6.89 -35.63 17.18
CA LYS A 316 7.66 -36.21 18.29
C LYS A 316 9.11 -35.72 18.33
N VAL A 317 9.68 -35.41 17.17
CA VAL A 317 11.01 -34.81 17.10
C VAL A 317 11.00 -33.46 17.82
N LEU A 318 10.04 -32.61 17.46
CA LEU A 318 9.90 -31.30 18.08
C LEU A 318 9.57 -31.39 19.58
N MET A 319 8.73 -32.35 19.95
CA MET A 319 8.34 -32.55 21.36
C MET A 319 9.51 -33.01 22.23
N SER A 320 10.48 -33.71 21.64
CA SER A 320 11.67 -34.15 22.37
C SER A 320 12.56 -32.97 22.78
N TYR A 321 12.60 -31.93 21.94
CA TYR A 321 13.36 -30.72 22.23
C TYR A 321 12.69 -29.83 23.29
N GLY A 322 11.41 -30.09 23.57
CA GLY A 322 10.68 -29.32 24.58
C GLY A 322 9.70 -28.31 24.01
N PHE A 323 9.48 -28.35 22.70
CA PHE A 323 8.51 -27.47 22.05
C PHE A 323 7.09 -28.01 22.25
N THR A 324 6.15 -27.11 22.57
CA THR A 324 4.75 -27.48 22.63
C THR A 324 4.22 -27.57 21.20
N THR A 325 3.86 -28.78 20.77
CA THR A 325 3.40 -29.01 19.42
C THR A 325 1.98 -29.56 19.40
N ILE A 326 1.12 -28.94 18.59
CA ILE A 326 -0.26 -29.37 18.46
C ILE A 326 -0.49 -29.87 17.05
N VAL A 327 -1.08 -31.05 16.94
CA VAL A 327 -1.52 -31.58 15.65
C VAL A 327 -2.98 -31.16 15.49
N ARG A 328 -3.23 -30.26 14.55
CA ARG A 328 -4.57 -29.69 14.37
C ARG A 328 -5.48 -30.67 13.64
N LYS A 329 -6.69 -30.84 14.16
CA LYS A 329 -7.67 -31.72 13.52
C LYS A 329 -8.23 -31.06 12.27
N THR A 330 -8.41 -31.85 11.21
CA THR A 330 -9.04 -31.36 9.98
C THR A 330 -10.54 -31.16 10.23
N ARG A 331 -11.10 -30.12 9.63
CA ARG A 331 -12.53 -29.83 9.77
C ARG A 331 -13.20 -29.69 8.41
N GLY A 332 -14.42 -30.21 8.31
CA GLY A 332 -15.21 -30.15 7.09
C GLY A 332 -14.71 -31.06 5.99
N ASP A 333 -14.29 -32.27 6.36
CA ASP A 333 -13.77 -33.24 5.39
C ASP A 333 -14.86 -33.71 4.41
N ASP A 334 -16.10 -33.76 4.87
CA ASP A 334 -17.25 -34.10 4.01
C ASP A 334 -17.59 -33.00 2.98
N ILE A 335 -17.12 -31.79 3.23
CA ILE A 335 -17.35 -30.65 2.33
C ILE A 335 -16.01 -30.10 1.83
N ASP A 336 -16.02 -28.95 1.15
CA ASP A 336 -14.79 -28.34 0.65
C ASP A 336 -14.02 -27.63 1.76
N ALA A 337 -13.21 -28.39 2.49
CA ALA A 337 -12.37 -27.85 3.57
C ALA A 337 -11.26 -26.94 3.03
N ALA A 338 -10.84 -27.19 1.80
CA ALA A 338 -9.77 -26.42 1.16
C ALA A 338 -10.11 -24.93 1.11
N GLY A 340 -10.61 -21.62 -0.09
CA GLY A 340 -10.81 -20.87 -1.34
C GLY A 340 -11.46 -21.65 -2.47
N GLN A 341 -12.03 -22.82 -2.15
CA GLN A 341 -12.62 -23.70 -3.17
C GLN A 341 -14.10 -23.38 -3.43
N LEU A 342 -14.84 -23.05 -2.39
CA LEU A 342 -16.27 -22.72 -2.51
C LEU A 342 -16.45 -21.46 -3.36
N ALA A 343 -15.67 -20.42 -3.06
CA ALA A 343 -15.55 -19.26 -3.93
C ALA A 343 -14.59 -19.62 -5.06
N GLY A 344 -15.15 -20.16 -6.14
CA GLY A 344 -14.36 -20.77 -7.21
C GLY A 344 -13.69 -19.81 -8.18
N ASP A 345 -13.78 -20.11 -9.48
CA ASP A 345 -13.06 -19.35 -10.51
C ASP A 345 -13.54 -17.92 -10.66
N VAL A 346 -12.69 -17.10 -11.29
CA VAL A 346 -12.98 -15.68 -11.49
C VAL A 346 -13.98 -15.43 -12.64
N ILE A 347 -14.03 -16.34 -13.60
CA ILE A 347 -14.92 -16.21 -14.76
C ILE A 347 -16.42 -16.37 -14.46
N ASP A 348 -16.75 -16.93 -13.29
CA ASP A 348 -18.15 -17.07 -12.87
C ASP A 348 -18.84 -15.72 -12.71
N ARG A 349 -18.06 -14.69 -12.40
CA ARG A 349 -18.54 -13.30 -12.29
C ARG A 349 -19.52 -12.93 -13.40
N THR A 350 -19.14 -13.19 -14.65
CA THR A 350 -19.99 -12.88 -15.80
C THR A 350 -21.23 -13.76 -15.83
N LYS A 351 -21.06 -15.04 -15.49
CA LYS A 351 -22.15 -16.01 -15.49
C LYS A 351 -23.20 -15.68 -14.40
N ARG A 352 -22.77 -15.03 -13.33
CA ARG A 352 -23.68 -14.57 -12.28
C ARG A 352 -24.53 -13.39 -12.75
N THR A 353 -23.96 -12.52 -13.58
CA THR A 353 -24.68 -11.36 -14.10
C THR A 353 -25.86 -11.77 -14.98
N LEU A 354 -25.66 -12.80 -15.80
CA LEU A 354 -26.73 -13.31 -16.66
C LEU A 354 -27.79 -14.06 -15.85
N ARG A 355 -27.42 -14.51 -14.66
CA ARG A 355 -28.33 -15.23 -13.76
C ARG A 355 -29.42 -14.30 -13.22
N LYS A 356 -29.04 -13.09 -12.83
CA LYS A 356 -29.97 -12.11 -12.24
C LYS A 356 -31.04 -11.61 -13.21
N ARG A 357 -30.72 -11.59 -14.50
CA ARG A 357 -31.65 -11.12 -15.54
C ARG A 357 -32.92 -11.97 -15.61
N MET A 358 -32.74 -13.28 -15.59
CA MET A 358 -33.85 -14.23 -15.74
C MET A 358 -34.28 -14.83 -14.39
N GLN A 359 -34.20 -14.00 -13.34
CA GLN A 359 -34.46 -14.45 -11.97
C GLN A 359 -35.95 -14.30 -11.63
N LYS B 1 28.22 -4.46 -1.95
CA LYS B 1 28.86 -3.21 -2.49
C LYS B 1 27.95 -2.00 -2.29
N ILE B 2 28.57 -0.85 -2.05
CA ILE B 2 27.85 0.42 -1.91
C ILE B 2 27.60 0.97 -3.31
N ASN B 3 26.35 1.38 -3.56
CA ASN B 3 26.01 2.04 -4.81
C ASN B 3 26.31 3.53 -4.69
N LEU B 4 27.15 4.03 -5.57
CA LEU B 4 27.59 5.43 -5.52
C LEU B 4 26.48 6.40 -5.92
N LEU B 5 25.49 5.90 -6.66
CA LEU B 5 24.32 6.72 -7.01
C LEU B 5 23.42 7.05 -5.80
N ASP B 6 23.66 6.41 -4.65
CA ASP B 6 23.01 6.81 -3.40
C ASP B 6 23.65 8.04 -2.76
N LEU B 7 24.90 8.33 -3.13
CA LEU B 7 25.71 9.31 -2.42
C LEU B 7 25.70 10.68 -3.08
N ASN B 8 25.55 11.72 -2.27
CA ASN B 8 25.76 13.10 -2.71
C ASN B 8 27.22 13.48 -2.47
N ARG B 9 27.62 14.67 -2.92
CA ARG B 9 29.01 15.13 -2.77
C ARG B 9 29.53 14.92 -1.34
N GLN B 10 28.71 15.29 -0.35
CA GLN B 10 29.07 15.13 1.06
C GLN B 10 29.42 13.68 1.37
N GLN B 11 28.47 12.78 1.14
CA GLN B 11 28.63 11.36 1.47
C GLN B 11 29.65 10.65 0.59
N MET B 12 29.86 11.18 -0.61
CA MET B 12 30.87 10.66 -1.53
C MET B 12 32.27 10.87 -0.95
N ARG B 13 32.52 12.09 -0.48
CA ARG B 13 33.81 12.43 0.14
C ARG B 13 34.04 11.70 1.46
N GLU B 14 32.97 11.45 2.22
CA GLU B 14 33.06 10.67 3.46
C GLU B 14 33.40 9.20 3.17
N PHE B 15 32.88 8.69 2.05
CA PHE B 15 33.16 7.32 1.64
C PHE B 15 34.63 7.17 1.21
N PHE B 16 35.10 8.10 0.38
CA PHE B 16 36.49 8.08 -0.08
C PHE B 16 37.50 8.27 1.05
N LYS B 17 37.13 9.05 2.06
CA LYS B 17 38.00 9.27 3.23
C LYS B 17 38.16 8.00 4.06
N ASP B 18 37.14 7.14 4.06
CA ASP B 18 37.24 5.81 4.69
C ASP B 18 38.22 4.92 3.92
N LEU B 19 38.22 5.05 2.59
CA LEU B 19 39.17 4.31 1.74
C LEU B 19 40.57 4.94 1.76
N GLY B 20 40.72 6.07 2.46
CA GLY B 20 42.01 6.73 2.62
C GLY B 20 42.41 7.57 1.43
N GLU B 21 41.42 8.13 0.74
CA GLU B 21 41.65 8.94 -0.45
C GLU B 21 41.21 10.37 -0.19
N LYS B 22 41.99 11.32 -0.67
CA LYS B 22 41.69 12.74 -0.52
C LYS B 22 40.43 13.12 -1.32
N PRO B 23 39.65 14.08 -0.82
CA PRO B 23 38.39 14.55 -1.41
C PRO B 23 38.37 14.68 -2.94
N PHE B 24 39.45 15.20 -3.53
CA PHE B 24 39.47 15.48 -4.97
C PHE B 24 39.31 14.22 -5.84
N ARG B 25 39.62 13.06 -5.28
CA ARG B 25 39.41 11.78 -5.95
C ARG B 25 37.92 11.44 -6.04
N ALA B 26 37.16 11.79 -5.02
CA ALA B 26 35.71 11.61 -5.04
C ALA B 26 35.07 12.54 -6.06
N ASP B 27 35.51 13.79 -6.09
CA ASP B 27 35.04 14.77 -7.08
C ASP B 27 35.25 14.28 -8.50
N GLN B 28 36.41 13.66 -8.74
CA GLN B 28 36.77 13.16 -10.06
C GLN B 28 35.86 12.01 -10.48
N VAL B 29 35.71 11.02 -9.58
CA VAL B 29 34.86 9.86 -9.85
C VAL B 29 33.38 10.24 -9.96
N MET B 30 32.95 11.19 -9.14
CA MET B 30 31.58 11.71 -9.23
C MET B 30 31.36 12.44 -10.56
N LYS B 31 32.36 13.20 -10.98
CA LYS B 31 32.35 13.90 -12.26
C LYS B 31 32.32 12.90 -13.42
N TRP B 32 33.03 11.78 -13.27
CA TRP B 32 33.00 10.70 -14.27
C TRP B 32 31.62 10.06 -14.37
N MET B 33 30.94 9.92 -13.23
CA MET B 33 29.64 9.25 -13.18
C MET B 33 28.54 10.00 -13.92
N TYR B 34 28.38 11.29 -13.60
CA TYR B 34 27.22 12.05 -14.07
C TYR B 34 27.46 12.84 -15.35
N HIS B 35 28.69 13.28 -15.58
CA HIS B 35 29.01 14.03 -16.80
C HIS B 35 29.15 13.10 -18.00
N TYR B 36 29.78 11.94 -17.78
CA TYR B 36 30.05 10.97 -18.85
C TYR B 36 29.10 9.77 -18.84
N CYS B 37 28.26 9.64 -17.81
CA CYS B 37 27.39 8.47 -17.63
C CYS B 37 28.19 7.16 -17.62
N CYS B 38 29.27 7.17 -16.85
CA CYS B 38 30.16 6.02 -16.75
C CYS B 38 29.72 5.14 -15.58
N ASP B 39 29.49 3.86 -15.86
CA ASP B 39 29.14 2.88 -14.83
C ASP B 39 30.22 1.81 -14.67
N ASN B 40 31.41 2.06 -15.23
CA ASN B 40 32.51 1.12 -15.20
C ASN B 40 33.80 1.80 -14.74
N PHE B 41 34.36 1.32 -13.64
CA PHE B 41 35.57 1.92 -13.06
C PHE B 41 36.80 1.77 -13.97
N ASP B 42 36.80 0.76 -14.84
CA ASP B 42 37.91 0.54 -15.78
C ASP B 42 38.06 1.68 -16.81
N GLU B 43 36.95 2.28 -17.20
CA GLU B 43 36.95 3.38 -18.18
C GLU B 43 37.53 4.69 -17.62
N MET B 44 37.50 4.85 -16.30
CA MET B 44 38.01 6.07 -15.66
C MET B 44 39.54 6.03 -15.68
N THR B 45 40.12 6.67 -16.69
CA THR B 45 41.55 6.53 -16.98
C THR B 45 42.45 7.28 -16.00
N ASP B 46 42.08 8.53 -15.72
CA ASP B 46 42.90 9.41 -14.87
C ASP B 46 42.86 9.09 -13.37
N ILE B 47 42.05 8.10 -12.98
CA ILE B 47 42.11 7.54 -11.63
C ILE B 47 43.16 6.42 -11.60
N ASN B 48 44.02 6.45 -10.59
CA ASN B 48 45.14 5.51 -10.48
C ASN B 48 44.72 4.06 -10.29
N LYS B 49 45.62 3.14 -10.65
CA LYS B 49 45.35 1.69 -10.63
C LYS B 49 44.91 1.16 -9.26
N VAL B 50 45.49 1.70 -8.19
CA VAL B 50 45.18 1.23 -6.83
C VAL B 50 43.76 1.61 -6.43
N LEU B 51 43.43 2.89 -6.58
CA LEU B 51 42.09 3.40 -6.27
C LEU B 51 41.03 2.72 -7.12
N ARG B 52 41.33 2.55 -8.40
CA ARG B 52 40.43 1.87 -9.34
C ARG B 52 40.13 0.43 -8.89
N GLY B 53 41.11 -0.22 -8.26
CA GLY B 53 40.94 -1.58 -7.73
C GLY B 53 40.11 -1.67 -6.47
N LYS B 54 40.27 -0.69 -5.58
CA LYS B 54 39.48 -0.63 -4.34
C LYS B 54 37.99 -0.52 -4.62
N LEU B 55 37.63 0.42 -5.49
CA LEU B 55 36.23 0.73 -5.77
C LEU B 55 35.47 -0.43 -6.43
N LYS B 56 36.18 -1.22 -7.24
CA LYS B 56 35.55 -2.37 -7.90
C LYS B 56 35.19 -3.48 -6.90
N GLU B 57 35.90 -3.52 -5.77
CA GLU B 57 35.61 -4.47 -4.72
C GLU B 57 34.47 -3.98 -3.81
N VAL B 58 34.54 -2.72 -3.39
CA VAL B 58 33.62 -2.17 -2.38
C VAL B 58 32.45 -1.35 -2.94
N ALA B 59 32.54 -0.92 -4.20
CA ALA B 59 31.53 -0.03 -4.76
C ALA B 59 31.01 -0.48 -6.13
N GLU B 60 29.88 0.11 -6.52
CA GLU B 60 29.29 -0.11 -7.83
C GLU B 60 28.61 1.17 -8.31
N ILE B 61 28.40 1.27 -9.62
CA ILE B 61 27.56 2.30 -10.20
C ILE B 61 26.46 1.59 -10.98
N ARG B 62 25.33 1.38 -10.33
CA ARG B 62 24.23 0.62 -10.92
C ARG B 62 22.95 1.46 -11.01
N ALA B 63 22.69 1.99 -12.20
CA ALA B 63 21.43 2.67 -12.46
C ALA B 63 20.35 1.61 -12.70
N PRO B 64 19.07 1.97 -12.45
CA PRO B 64 17.96 1.07 -12.76
C PRO B 64 17.92 0.66 -14.23
N GLU B 65 17.52 -0.58 -14.49
CA GLU B 65 17.52 -1.12 -15.84
C GLU B 65 16.22 -0.80 -16.57
N VAL B 66 16.32 -0.44 -17.85
CA VAL B 66 15.14 -0.17 -18.68
C VAL B 66 14.53 -1.48 -19.16
N VAL B 67 13.21 -1.49 -19.37
CA VAL B 67 12.52 -2.68 -19.89
C VAL B 67 11.64 -2.39 -21.11
N GLU B 68 10.89 -1.29 -21.07
CA GLU B 68 10.09 -0.85 -22.22
C GLU B 68 10.54 0.53 -22.66
N GLU B 69 10.45 0.79 -23.96
CA GLU B 69 10.77 2.09 -24.54
C GLU B 69 9.69 2.48 -25.54
N GLN B 70 9.24 3.73 -25.45
CA GLN B 70 8.22 4.26 -26.37
C GLN B 70 8.61 5.65 -26.86
N ARG B 71 9.27 5.70 -28.02
CA ARG B 71 9.66 6.95 -28.64
C ARG B 71 8.53 7.46 -29.53
N SER B 72 7.98 8.62 -29.15
CA SER B 72 6.88 9.23 -29.90
C SER B 72 7.42 9.97 -31.13
N SER B 73 6.51 10.34 -32.02
CA SER B 73 6.86 11.05 -33.25
C SER B 73 7.23 12.50 -32.99
N ASP B 74 6.51 13.15 -32.09
CA ASP B 74 6.77 14.56 -31.74
C ASP B 74 8.13 14.76 -31.07
N GLY B 75 8.61 13.74 -30.37
CA GLY B 75 9.92 13.78 -29.69
C GLY B 75 9.93 13.09 -28.34
N THR B 76 8.79 13.09 -27.65
CA THR B 76 8.70 12.55 -26.30
C THR B 76 9.07 11.06 -26.26
N ILE B 77 10.00 10.72 -25.37
CA ILE B 77 10.38 9.33 -25.13
C ILE B 77 9.86 8.92 -23.76
N LYS B 78 9.32 7.70 -23.69
CA LYS B 78 8.76 7.17 -22.45
C LYS B 78 9.44 5.84 -22.14
N TRP B 79 9.77 5.62 -20.88
CA TRP B 79 10.42 4.38 -20.44
C TRP B 79 9.69 3.76 -19.25
N ALA B 80 9.61 2.44 -19.24
CA ALA B 80 9.30 1.68 -18.05
C ALA B 80 10.63 1.24 -17.47
N ILE B 81 10.84 1.51 -16.18
CA ILE B 81 12.13 1.31 -15.53
C ILE B 81 12.02 0.25 -14.46
N ALA B 82 12.88 -0.77 -14.54
CA ALA B 82 12.86 -1.87 -13.58
C ALA B 82 13.58 -1.48 -12.29
N VAL B 83 12.80 -1.30 -11.23
CA VAL B 83 13.34 -1.02 -9.89
C VAL B 83 13.11 -2.23 -9.01
N GLY B 84 14.01 -3.22 -9.14
CA GLY B 84 13.87 -4.49 -8.45
C GLY B 84 12.84 -5.35 -9.15
N ASP B 85 11.78 -5.71 -8.42
CA ASP B 85 10.71 -6.55 -8.95
C ASP B 85 9.58 -5.73 -9.57
N GLN B 86 9.44 -4.48 -9.15
CA GLN B 86 8.38 -3.59 -9.64
C GLN B 86 8.89 -2.64 -10.73
N ARG B 87 7.97 -1.90 -11.34
CA ARG B 87 8.31 -0.94 -12.40
C ARG B 87 7.90 0.49 -12.02
N VAL B 88 8.61 1.46 -12.58
CA VAL B 88 8.26 2.87 -12.46
C VAL B 88 8.48 3.58 -13.79
N GLU B 89 7.92 4.79 -13.93
CA GLU B 89 7.94 5.50 -15.20
C GLU B 89 8.91 6.69 -15.23
N THR B 90 9.51 6.90 -16.39
CA THR B 90 10.36 8.06 -16.64
C THR B 90 10.07 8.57 -18.05
N VAL B 91 9.82 9.87 -18.17
CA VAL B 91 9.45 10.47 -19.45
C VAL B 91 10.39 11.61 -19.82
N TYR B 92 10.93 11.54 -21.03
CA TYR B 92 11.80 12.59 -21.58
C TYR B 92 11.02 13.40 -22.60
N ILE B 93 10.77 14.67 -22.28
CA ILE B 93 9.91 15.53 -23.08
C ILE B 93 10.71 16.71 -23.67
N PRO B 94 11.15 16.57 -24.94
CA PRO B 94 11.96 17.62 -25.58
C PRO B 94 11.14 18.82 -26.07
N GLU B 95 11.76 20.00 -26.08
CA GLU B 95 11.11 21.22 -26.56
C GLU B 95 12.07 22.09 -27.38
N ASP B 96 11.54 23.19 -27.92
CA ASP B 96 12.33 24.13 -28.73
C ASP B 96 13.40 24.86 -27.91
N ASP B 97 13.09 25.15 -26.65
CA ASP B 97 14.00 25.90 -25.77
C ASP B 97 14.66 25.07 -24.67
N ARG B 98 14.22 23.83 -24.46
CA ARG B 98 14.73 22.99 -23.36
C ARG B 98 14.38 21.52 -23.53
N ALA B 99 14.86 20.69 -22.59
CA ALA B 99 14.49 19.29 -22.51
C ALA B 99 14.06 18.95 -21.07
N THR B 100 12.82 18.49 -20.93
CA THR B 100 12.24 18.20 -19.61
C THR B 100 12.29 16.70 -19.30
N LEU B 101 12.40 16.37 -18.01
CA LEU B 101 12.38 14.97 -17.57
C LEU B 101 11.51 14.77 -16.31
N ALA B 102 10.45 13.99 -16.47
CA ALA B 102 9.59 13.61 -15.36
C ALA B 102 10.16 12.36 -14.68
N VAL B 103 10.30 12.41 -13.37
CA VAL B 103 10.94 11.35 -12.60
C VAL B 103 9.98 10.80 -11.54
N SER B 104 9.90 9.46 -11.47
CA SER B 104 9.10 8.79 -10.45
C SER B 104 9.78 8.90 -9.08
N SER B 105 8.97 9.00 -8.03
CA SER B 105 9.46 9.19 -6.68
C SER B 105 9.23 7.95 -5.80
N GLN B 106 8.05 7.35 -5.93
CA GLN B 106 7.70 6.12 -5.22
C GLN B 106 7.22 5.07 -6.22
N VAL B 107 7.03 3.85 -5.74
CA VAL B 107 6.37 2.81 -6.51
C VAL B 107 4.87 2.87 -6.15
N GLY B 108 4.11 3.54 -7.01
CA GLY B 108 2.68 3.73 -6.78
C GLY B 108 2.42 4.96 -5.93
N CYS B 109 1.24 5.02 -5.32
CA CYS B 109 0.91 6.09 -4.39
C CYS B 109 -0.23 5.67 -3.45
N ALA B 110 -0.25 6.26 -2.25
CA ALA B 110 -1.25 5.92 -1.24
C ALA B 110 -2.32 7.01 -1.07
N LEU B 111 -2.43 7.92 -2.03
CA LEU B 111 -3.28 9.11 -1.88
C LEU B 111 -4.65 9.01 -2.56
N GLU B 112 -4.84 7.96 -3.37
CA GLU B 112 -6.16 7.64 -3.94
C GLU B 112 -6.82 8.78 -4.73
N CYS B 113 -6.02 9.53 -5.48
CA CYS B 113 -6.56 10.54 -6.40
C CYS B 113 -7.28 9.82 -7.55
N LYS B 114 -8.56 10.12 -7.73
CA LYS B 114 -9.42 9.32 -8.61
C LYS B 114 -9.13 9.47 -10.11
N PHE B 115 -8.55 10.59 -10.51
CA PHE B 115 -8.12 10.79 -11.91
C PHE B 115 -6.80 10.07 -12.21
N CYS B 116 -6.05 9.73 -11.16
CA CYS B 116 -4.71 9.14 -11.31
C CYS B 116 -4.79 7.63 -11.50
N SER B 117 -4.13 7.13 -12.54
CA SER B 117 -4.04 5.68 -12.79
C SER B 117 -3.17 4.98 -11.74
N THR B 118 -2.21 5.72 -11.19
CA THR B 118 -1.30 5.22 -10.17
C THR B 118 -1.99 5.00 -8.82
N ALA B 119 -3.21 5.51 -8.67
CA ALA B 119 -3.97 5.40 -7.41
C ALA B 119 -4.35 3.97 -7.06
N GLN B 120 -5.04 3.29 -7.99
CA GLN B 120 -5.58 1.95 -7.73
C GLN B 120 -4.50 0.86 -7.62
N GLN B 121 -3.29 1.15 -8.08
CA GLN B 121 -2.14 0.25 -7.89
C GLN B 121 -1.85 0.05 -6.40
N GLY B 122 -1.83 1.17 -5.66
CA GLY B 122 -1.51 1.15 -4.24
C GLY B 122 -0.03 1.46 -4.01
N PHE B 123 0.31 1.83 -2.78
CA PHE B 123 1.68 2.18 -2.43
C PHE B 123 2.49 0.92 -2.10
N ASN B 124 3.43 0.59 -2.99
CA ASN B 124 4.33 -0.54 -2.76
C ASN B 124 5.48 -0.15 -1.85
N ARG B 125 6.29 0.82 -2.29
CA ARG B 125 7.42 1.30 -1.51
C ARG B 125 7.97 2.63 -2.03
N ASN B 126 8.81 3.26 -1.20
CA ASN B 126 9.57 4.44 -1.60
C ASN B 126 10.83 4.00 -2.35
N LEU B 127 11.24 4.82 -3.31
CA LEU B 127 12.46 4.55 -4.07
C LEU B 127 13.68 5.02 -3.30
N ARG B 128 14.82 4.40 -3.56
CA ARG B 128 16.10 4.82 -3.00
C ARG B 128 16.65 5.98 -3.85
N VAL B 129 17.68 6.64 -3.35
CA VAL B 129 18.27 7.79 -4.06
C VAL B 129 18.81 7.36 -5.42
N SER B 130 19.47 6.21 -5.47
CA SER B 130 20.02 5.66 -6.72
C SER B 130 18.93 5.38 -7.75
N GLU B 131 17.73 5.05 -7.27
CA GLU B 131 16.59 4.80 -8.16
C GLU B 131 15.92 6.08 -8.66
N ILE B 132 16.09 7.18 -7.92
CA ILE B 132 15.54 8.47 -8.32
C ILE B 132 16.51 9.20 -9.26
N ILE B 133 17.77 9.30 -8.86
CA ILE B 133 18.78 9.93 -9.69
C ILE B 133 19.19 9.05 -10.87
N GLY B 134 19.10 7.73 -10.69
CA GLY B 134 19.43 6.78 -11.74
C GLY B 134 18.48 6.80 -12.93
N GLN B 135 17.26 7.30 -12.71
CA GLN B 135 16.34 7.62 -13.81
C GLN B 135 16.90 8.76 -14.65
N VAL B 136 17.44 9.78 -13.97
CA VAL B 136 18.07 10.91 -14.65
C VAL B 136 19.36 10.47 -15.32
N TRP B 137 20.11 9.61 -14.62
CA TRP B 137 21.38 9.06 -15.14
C TRP B 137 21.13 8.24 -16.40
N ARG B 138 20.17 7.32 -16.34
CA ARG B 138 19.89 6.44 -17.47
C ARG B 138 19.42 7.23 -18.69
N ALA B 139 18.53 8.20 -18.46
CA ALA B 139 18.04 9.06 -19.54
C ALA B 139 19.18 9.89 -20.14
N ALA B 140 20.11 10.34 -19.31
CA ALA B 140 21.29 11.07 -19.78
C ALA B 140 22.14 10.22 -20.71
N LYS B 141 22.34 8.95 -20.35
CA LYS B 141 23.12 8.01 -21.15
C LYS B 141 22.41 7.66 -22.47
N ILE B 142 21.12 7.36 -22.38
CA ILE B 142 20.33 7.01 -23.56
C ILE B 142 20.23 8.18 -24.53
N VAL B 143 20.00 9.38 -24.00
CA VAL B 143 19.95 10.59 -24.83
C VAL B 143 21.37 10.95 -25.31
N GLY B 144 22.36 10.68 -24.48
CA GLY B 144 23.76 10.97 -24.80
C GLY B 144 24.37 11.88 -23.76
N ALA B 145 25.39 11.39 -23.07
CA ALA B 145 25.97 12.10 -21.91
C ALA B 145 26.57 13.45 -22.28
N ALA B 146 26.72 14.32 -21.28
CA ALA B 146 27.13 15.72 -21.49
C ALA B 146 28.51 15.85 -22.15
N LYS B 147 29.52 15.20 -21.57
CA LYS B 147 30.89 15.27 -22.07
C LYS B 147 31.14 14.36 -23.28
N VAL B 148 30.17 13.49 -23.60
CA VAL B 148 30.29 12.57 -24.73
C VAL B 148 29.63 13.13 -26.00
N THR B 149 28.51 13.82 -25.83
CA THR B 149 27.81 14.47 -26.95
C THR B 149 28.21 15.93 -27.08
N GLY B 150 28.15 16.67 -25.98
CA GLY B 150 28.48 18.09 -25.96
C GLY B 150 27.39 18.90 -25.28
N GLN B 151 26.16 18.77 -25.76
CA GLN B 151 25.01 19.41 -25.14
C GLN B 151 24.58 18.66 -23.89
N ARG B 152 24.00 19.39 -22.95
CA ARG B 152 23.34 18.77 -21.82
C ARG B 152 22.09 18.05 -22.33
N PRO B 153 21.94 16.76 -21.99
CA PRO B 153 20.75 16.02 -22.45
C PRO B 153 19.48 16.47 -21.74
N ILE B 154 19.58 16.74 -20.44
CA ILE B 154 18.45 17.15 -19.61
C ILE B 154 18.74 18.51 -18.99
N THR B 155 17.87 19.48 -19.25
CA THR B 155 18.02 20.83 -18.69
C THR B 155 16.95 21.17 -17.66
N ASN B 156 15.97 20.29 -17.47
CA ASN B 156 14.91 20.51 -16.49
C ASN B 156 14.32 19.19 -15.98
N VAL B 157 14.55 18.91 -14.70
CA VAL B 157 13.98 17.73 -14.05
C VAL B 157 12.75 18.13 -13.25
N VAL B 158 11.68 17.34 -13.39
CA VAL B 158 10.47 17.56 -12.60
C VAL B 158 10.06 16.26 -11.90
N MET B 159 9.60 16.36 -10.66
CA MET B 159 9.20 15.19 -9.87
C MET B 159 7.70 14.97 -10.05
N MET B 160 7.30 14.65 -11.27
CA MET B 160 5.89 14.45 -11.63
C MET B 160 5.67 13.04 -12.17
N GLY B 161 6.44 12.08 -11.67
CA GLY B 161 6.24 10.66 -11.99
C GLY B 161 5.38 10.02 -10.92
N MET B 162 5.55 8.72 -10.72
CA MET B 162 4.75 7.99 -9.74
C MET B 162 5.14 8.34 -8.30
N GLY B 163 4.13 8.60 -7.46
CA GLY B 163 4.34 8.84 -6.04
C GLY B 163 4.20 10.28 -5.59
N GLU B 164 4.27 10.47 -4.27
CA GLU B 164 4.26 11.79 -3.66
C GLU B 164 5.65 12.10 -3.10
N PRO B 165 6.38 13.07 -3.72
CA PRO B 165 7.74 13.43 -3.28
C PRO B 165 7.89 13.82 -1.81
N LEU B 166 6.84 14.36 -1.21
CA LEU B 166 6.90 14.78 0.19
C LEU B 166 6.73 13.62 1.18
N LEU B 167 6.30 12.46 0.69
CA LEU B 167 6.21 11.25 1.52
C LEU B 167 7.48 10.39 1.41
N ASN B 168 8.55 10.95 0.84
CA ASN B 168 9.82 10.27 0.68
C ASN B 168 10.96 11.28 0.69
N LEU B 169 10.99 12.13 1.71
CA LEU B 169 11.98 13.21 1.80
C LEU B 169 13.40 12.69 2.01
N ASN B 170 13.53 11.54 2.68
CA ASN B 170 14.83 10.92 2.93
C ASN B 170 15.59 10.60 1.65
N ASN B 171 14.86 10.24 0.59
CA ASN B 171 15.46 9.84 -0.69
C ASN B 171 15.30 10.88 -1.81
N VAL B 172 14.24 11.69 -1.74
CA VAL B 172 13.98 12.71 -2.75
C VAL B 172 14.96 13.88 -2.65
N VAL B 173 15.26 14.31 -1.43
CA VAL B 173 16.15 15.45 -1.21
C VAL B 173 17.59 15.20 -1.69
N PRO B 174 18.25 14.14 -1.18
CA PRO B 174 19.63 13.90 -1.64
C PRO B 174 19.73 13.68 -3.15
N ALA B 175 18.68 13.10 -3.75
CA ALA B 175 18.61 12.93 -5.19
C ALA B 175 18.59 14.28 -5.91
N MET B 176 17.80 15.22 -5.38
CA MET B 176 17.74 16.58 -5.92
C MET B 176 19.02 17.37 -5.63
N GLU B 177 19.69 17.07 -4.52
CA GLU B 177 20.97 17.71 -4.21
C GLU B 177 22.05 17.40 -5.26
N ILE B 178 21.97 16.20 -5.83
CA ILE B 178 22.88 15.79 -6.90
C ILE B 178 22.47 16.43 -8.23
N MET B 179 21.17 16.56 -8.46
CA MET B 179 20.66 17.26 -9.64
C MET B 179 21.20 18.69 -9.69
N LEU B 180 21.25 19.34 -8.53
CA LEU B 180 21.71 20.72 -8.42
C LEU B 180 23.25 20.85 -8.36
N ASP B 181 23.92 19.77 -7.96
CA ASP B 181 25.39 19.76 -7.84
C ASP B 181 26.04 19.88 -9.22
N ASP B 182 27.14 20.61 -9.29
CA ASP B 182 27.88 20.80 -10.56
C ASP B 182 28.68 19.55 -10.96
N PHE B 183 28.99 18.70 -9.98
CA PHE B 183 29.61 17.40 -10.27
C PHE B 183 28.55 16.36 -10.64
N GLY B 184 27.29 16.66 -10.32
CA GLY B 184 26.15 15.87 -10.76
C GLY B 184 25.67 16.31 -12.13
N PHE B 185 24.48 16.90 -12.20
CA PHE B 185 23.87 17.33 -13.46
C PHE B 185 23.96 18.84 -13.72
N GLY B 186 24.36 19.59 -12.70
CA GLY B 186 24.61 21.04 -12.85
C GLY B 186 23.39 21.88 -13.15
N LEU B 187 22.22 21.42 -12.72
CA LEU B 187 20.96 22.10 -13.00
C LEU B 187 20.69 23.21 -11.97
N SER B 188 20.14 24.32 -12.44
CA SER B 188 19.78 25.43 -11.56
C SER B 188 18.56 25.08 -10.73
N LYS B 189 18.44 25.71 -9.55
CA LYS B 189 17.31 25.47 -8.65
C LYS B 189 15.94 25.91 -9.21
N ARG B 190 15.94 26.65 -10.32
CA ARG B 190 14.73 26.92 -11.08
C ARG B 190 14.36 25.73 -11.98
N ARG B 191 15.36 24.95 -12.37
CA ARG B 191 15.16 23.81 -13.27
C ARG B 191 15.05 22.45 -12.55
N VAL B 192 14.82 22.48 -11.24
CA VAL B 192 14.43 21.27 -10.50
C VAL B 192 13.13 21.58 -9.77
N THR B 193 12.04 20.90 -10.17
CA THR B 193 10.72 21.17 -9.62
C THR B 193 10.16 19.97 -8.86
N LEU B 194 9.83 20.17 -7.59
CA LEU B 194 9.15 19.18 -6.78
C LEU B 194 7.65 19.47 -6.82
N SER B 195 6.86 18.50 -7.29
CA SER B 195 5.41 18.65 -7.37
C SER B 195 4.75 17.93 -6.19
N THR B 196 3.70 18.54 -5.62
CA THR B 196 3.04 17.97 -4.44
C THR B 196 1.54 18.27 -4.40
N SER B 197 0.78 17.32 -3.86
CA SER B 197 -0.66 17.47 -3.67
C SER B 197 -1.01 18.08 -2.31
N GLY B 198 -0.03 18.18 -1.41
CA GLY B 198 -0.17 18.97 -0.20
C GLY B 198 -0.06 18.21 1.12
N VAL B 199 1.09 17.55 1.33
CA VAL B 199 1.42 17.00 2.64
C VAL B 199 2.07 18.13 3.44
N VAL B 200 1.24 18.92 4.10
CA VAL B 200 1.68 20.17 4.72
C VAL B 200 2.89 20.01 5.65
N PRO B 201 2.86 19.06 6.59
CA PRO B 201 3.99 18.90 7.52
C PRO B 201 5.33 18.68 6.83
N ALA B 202 5.34 17.85 5.79
CA ALA B 202 6.57 17.56 5.04
C ALA B 202 7.05 18.74 4.21
N LEU B 203 6.13 19.61 3.76
CA LEU B 203 6.50 20.79 2.99
C LEU B 203 7.27 21.80 3.85
N ASP B 204 6.84 21.97 5.10
CA ASP B 204 7.58 22.79 6.07
C ASP B 204 8.97 22.18 6.34
N LYS B 205 9.03 20.85 6.38
CA LYS B 205 10.30 20.13 6.52
C LYS B 205 11.19 20.36 5.30
N LEU B 206 10.60 20.29 4.10
CA LEU B 206 11.32 20.53 2.85
C LEU B 206 11.94 21.92 2.81
N GLY B 207 11.20 22.92 3.29
CA GLY B 207 11.68 24.29 3.37
C GLY B 207 12.92 24.48 4.24
N ASP B 208 13.12 23.56 5.17
CA ASP B 208 14.31 23.57 6.04
C ASP B 208 15.47 22.80 5.41
N MET B 209 15.16 21.76 4.63
CA MET B 209 16.17 20.87 4.06
C MET B 209 16.80 21.41 2.77
N ILE B 210 15.97 21.92 1.84
CA ILE B 210 16.46 22.29 0.51
C ILE B 210 15.58 23.36 -0.17
N ASP B 211 16.19 24.09 -1.11
CA ASP B 211 15.48 25.12 -1.90
C ASP B 211 15.37 24.72 -3.37
N VAL B 212 14.15 24.37 -3.80
CA VAL B 212 13.86 24.02 -5.20
C VAL B 212 12.60 24.73 -5.70
N ALA B 213 12.34 24.62 -7.00
CA ALA B 213 11.08 25.10 -7.57
C ALA B 213 9.94 24.20 -7.10
N LEU B 214 8.77 24.79 -6.89
CA LEU B 214 7.64 24.07 -6.33
C LEU B 214 6.44 24.14 -7.26
N ALA B 215 5.82 22.98 -7.48
CA ALA B 215 4.55 22.90 -8.19
C ALA B 215 3.54 22.26 -7.25
N ILE B 216 2.31 22.76 -7.27
CA ILE B 216 1.25 22.16 -6.45
C ILE B 216 0.14 21.58 -7.31
N SER B 217 -0.35 20.41 -6.92
CA SER B 217 -1.48 19.77 -7.56
C SER B 217 -2.74 20.19 -6.81
N LEU B 218 -3.50 21.11 -7.42
CA LEU B 218 -4.67 21.71 -6.77
C LEU B 218 -5.96 21.13 -7.33
N HIS B 219 -6.15 21.25 -8.65
CA HIS B 219 -7.25 20.59 -9.38
C HIS B 219 -8.68 21.03 -9.04
N ALA B 220 -8.85 22.04 -8.18
CA ALA B 220 -10.19 22.44 -7.75
C ALA B 220 -10.21 23.83 -7.11
N PRO B 221 -11.36 24.54 -7.20
CA PRO B 221 -11.48 25.87 -6.63
C PRO B 221 -11.99 25.90 -5.18
N ASN B 222 -12.44 24.75 -4.66
CA ASN B 222 -12.96 24.67 -3.28
C ASN B 222 -12.82 23.27 -2.70
N ASP B 223 -13.08 23.15 -1.40
CA ASP B 223 -12.84 21.90 -0.67
C ASP B 223 -13.82 20.78 -1.02
N GLU B 224 -15.10 21.12 -1.11
CA GLU B 224 -16.13 20.13 -1.48
C GLU B 224 -15.80 19.37 -2.77
N ILE B 225 -15.22 20.07 -3.75
CA ILE B 225 -14.78 19.44 -4.99
C ILE B 225 -13.45 18.71 -4.78
N ARG B 226 -12.53 19.34 -4.05
CA ARG B 226 -11.20 18.77 -3.85
C ARG B 226 -11.19 17.56 -2.92
N ASP B 227 -12.07 17.56 -1.90
CA ASP B 227 -12.25 16.40 -1.01
C ASP B 227 -12.57 15.14 -1.81
N GLU B 228 -13.43 15.30 -2.82
CA GLU B 228 -13.84 14.21 -3.69
C GLU B 228 -12.71 13.74 -4.61
N ILE B 229 -12.06 14.70 -5.27
CA ILE B 229 -11.02 14.41 -6.27
C ILE B 229 -9.70 14.00 -5.61
N VAL B 230 -9.25 14.78 -4.62
CA VAL B 230 -7.99 14.54 -3.94
C VAL B 230 -8.23 14.27 -2.45
N PRO B 231 -8.28 12.99 -2.04
CA PRO B 231 -8.55 12.59 -0.65
C PRO B 231 -7.69 13.23 0.44
N ILE B 232 -6.49 13.69 0.10
CA ILE B 232 -5.62 14.36 1.08
C ILE B 232 -6.21 15.69 1.56
N ASN B 233 -7.09 16.29 0.75
CA ASN B 233 -7.74 17.55 1.10
C ASN B 233 -8.54 17.49 2.40
N LYS B 234 -9.13 16.33 2.68
CA LYS B 234 -9.81 16.09 3.97
C LYS B 234 -8.89 16.41 5.14
N LYS B 235 -7.65 15.90 5.07
CA LYS B 235 -6.69 16.05 6.15
C LYS B 235 -6.05 17.45 6.15
N TYR B 236 -5.57 17.86 4.98
CA TYR B 236 -4.97 19.19 4.81
C TYR B 236 -5.70 19.95 3.70
N ASN B 237 -6.56 20.88 4.10
CA ASN B 237 -7.41 21.60 3.15
C ASN B 237 -6.66 22.68 2.36
N ILE B 238 -7.40 23.41 1.51
CA ILE B 238 -6.78 24.35 0.57
C ILE B 238 -6.05 25.50 1.27
N GLU B 239 -6.76 26.26 2.11
CA GLU B 239 -6.15 27.40 2.80
C GLU B 239 -4.96 26.97 3.67
N THR B 240 -5.05 25.79 4.29
CA THR B 240 -3.96 25.24 5.09
C THR B 240 -2.80 24.80 4.19
N PHE B 241 -3.13 24.23 3.04
CA PHE B 241 -2.12 23.87 2.03
C PHE B 241 -1.52 25.13 1.43
N LEU B 242 -2.37 26.09 1.06
CA LEU B 242 -1.90 27.38 0.55
C LEU B 242 -1.05 28.13 1.58
N ALA B 243 -1.38 27.95 2.87
CA ALA B 243 -0.57 28.53 3.95
C ALA B 243 0.80 27.85 4.03
N ALA B 244 0.84 26.55 3.75
CA ALA B 244 2.11 25.81 3.70
C ALA B 244 2.96 26.22 2.49
N VAL B 245 2.31 26.62 1.40
CA VAL B 245 3.00 27.12 0.21
C VAL B 245 3.67 28.47 0.52
N ARG B 246 2.93 29.37 1.16
CA ARG B 246 3.47 30.67 1.54
C ARG B 246 4.68 30.53 2.47
N ARG B 247 4.56 29.70 3.51
CA ARG B 247 5.67 29.41 4.43
C ARG B 247 6.96 29.01 3.70
N TYR B 248 6.81 28.23 2.63
CA TYR B 248 7.95 27.80 1.82
C TYR B 248 8.42 28.91 0.89
N LEU B 249 7.47 29.65 0.31
CA LEU B 249 7.78 30.70 -0.66
C LEU B 249 8.57 31.89 -0.10
N GLU B 250 8.44 32.13 1.20
CA GLU B 250 9.20 33.21 1.86
C GLU B 250 10.70 32.94 1.80
N LYS B 251 11.07 31.68 1.97
CA LYS B 251 12.47 31.26 1.97
C LYS B 251 13.04 31.19 0.57
N SER B 252 12.31 30.50 -0.32
CA SER B 252 12.79 30.18 -1.67
C SER B 252 13.04 31.41 -2.55
N ASN B 253 14.29 31.63 -2.92
CA ASN B 253 14.64 32.59 -3.96
C ASN B 253 14.58 31.95 -5.34
N ALA B 254 14.41 30.62 -5.37
CA ALA B 254 14.25 29.88 -6.61
C ALA B 254 12.91 30.17 -7.27
N ASN B 255 11.84 30.22 -6.47
CA ASN B 255 10.50 30.50 -6.98
C ASN B 255 10.24 31.97 -7.27
N GLN B 256 11.02 32.86 -6.67
CA GLN B 256 10.79 34.31 -6.74
C GLN B 256 9.37 34.67 -6.30
N GLY B 257 8.87 33.92 -5.32
CA GLY B 257 7.51 34.14 -4.78
C GLY B 257 6.37 33.61 -5.62
N ARG B 258 6.69 32.85 -6.67
CA ARG B 258 5.68 32.34 -7.61
C ARG B 258 5.66 30.81 -7.61
N VAL B 259 4.50 30.24 -7.34
CA VAL B 259 4.31 28.78 -7.36
C VAL B 259 3.70 28.35 -8.70
N THR B 260 3.92 27.10 -9.08
CA THR B 260 3.27 26.54 -10.27
C THR B 260 2.07 25.69 -9.84
N ILE B 261 0.90 25.98 -10.42
CA ILE B 261 -0.34 25.32 -10.02
C ILE B 261 -0.85 24.43 -11.15
N GLU B 262 -0.88 23.12 -10.89
CA GLU B 262 -1.42 22.15 -11.84
C GLU B 262 -2.93 22.00 -11.63
N TYR B 263 -3.67 21.97 -12.73
CA TYR B 263 -5.13 21.89 -12.70
C TYR B 263 -5.61 20.96 -13.82
N VAL B 264 -6.32 19.90 -13.44
CA VAL B 264 -6.72 18.85 -14.39
C VAL B 264 -8.18 19.05 -14.77
N MET B 265 -8.46 18.94 -16.07
CA MET B 265 -9.77 19.27 -16.62
C MET B 265 -10.65 18.03 -16.74
N LEU B 266 -11.52 17.85 -15.76
CA LEU B 266 -12.43 16.71 -15.70
C LEU B 266 -13.84 17.14 -16.09
N ASP B 267 -14.47 16.40 -17.00
CA ASP B 267 -15.71 16.81 -17.64
C ASP B 267 -16.88 16.96 -16.65
N HIS B 268 -17.41 18.19 -16.57
CA HIS B 268 -18.52 18.56 -15.68
C HIS B 268 -18.29 18.32 -14.18
N VAL B 269 -17.02 18.17 -13.79
CA VAL B 269 -16.65 18.01 -12.39
C VAL B 269 -16.11 19.32 -11.84
N ASN B 270 -15.13 19.90 -12.55
CA ASN B 270 -14.47 21.13 -12.12
C ASN B 270 -14.05 22.05 -13.29
N ASP B 271 -14.66 21.87 -14.46
CA ASP B 271 -14.19 22.52 -15.69
C ASP B 271 -15.12 23.61 -16.22
N GLY B 272 -16.29 23.78 -15.60
CA GLY B 272 -17.21 24.85 -15.98
C GLY B 272 -16.70 26.24 -15.66
N THR B 273 -17.34 27.25 -16.24
CA THR B 273 -16.94 28.64 -16.04
C THR B 273 -17.17 29.11 -14.59
N GLU B 274 -18.18 28.53 -13.94
CA GLU B 274 -18.44 28.84 -12.52
C GLU B 274 -17.25 28.44 -11.63
N HIS B 275 -16.56 27.37 -12.01
CA HIS B 275 -15.38 26.92 -11.26
C HIS B 275 -14.16 27.81 -11.54
N ALA B 276 -14.09 28.37 -12.74
CA ALA B 276 -12.96 29.24 -13.13
C ALA B 276 -12.89 30.51 -12.30
N HIS B 277 -14.04 31.15 -12.09
CA HIS B 277 -14.11 32.40 -11.33
C HIS B 277 -13.72 32.21 -9.85
N GLN B 278 -14.11 31.08 -9.27
CA GLN B 278 -13.75 30.75 -7.88
C GLN B 278 -12.24 30.60 -7.71
N LEU B 279 -11.59 29.99 -8.70
CA LEU B 279 -10.14 29.82 -8.67
C LEU B 279 -9.43 31.18 -8.75
N ALA B 280 -9.97 32.07 -9.58
CA ALA B 280 -9.43 33.42 -9.74
C ALA B 280 -9.48 34.20 -8.43
N GLU B 281 -10.58 34.04 -7.69
CA GLU B 281 -10.73 34.66 -6.37
C GLU B 281 -9.80 33.99 -5.37
N LEU B 282 -9.78 32.66 -5.40
CA LEU B 282 -8.90 31.87 -4.52
C LEU B 282 -7.44 32.31 -4.60
N LEU B 283 -6.96 32.57 -5.82
CA LEU B 283 -5.55 32.87 -6.06
C LEU B 283 -5.29 34.37 -6.30
N LYS B 284 -6.15 35.23 -5.76
CA LYS B 284 -6.01 36.68 -5.95
C LYS B 284 -4.71 37.24 -5.36
N ASP B 285 -4.30 36.69 -4.22
CA ASP B 285 -3.07 37.13 -3.54
C ASP B 285 -1.84 36.31 -3.93
N THR B 286 -2.05 35.12 -4.48
CA THR B 286 -0.95 34.22 -4.83
C THR B 286 -0.45 34.47 -6.26
N PRO B 287 0.84 34.82 -6.41
CA PRO B 287 1.41 34.84 -7.75
C PRO B 287 1.64 33.41 -8.25
N CYS B 288 1.25 33.13 -9.48
CA CYS B 288 1.35 31.77 -10.02
C CYS B 288 1.26 31.71 -11.53
N LYS B 289 1.74 30.58 -12.07
CA LYS B 289 1.53 30.24 -13.47
C LYS B 289 0.68 28.96 -13.50
N ILE B 290 -0.58 29.10 -13.90
CA ILE B 290 -1.52 27.99 -13.86
C ILE B 290 -1.41 27.14 -15.12
N ASN B 291 -1.09 25.86 -14.94
CA ASN B 291 -1.11 24.90 -16.05
C ASN B 291 -2.41 24.10 -16.04
N LEU B 292 -3.16 24.16 -17.14
CA LEU B 292 -4.41 23.41 -17.28
C LEU B 292 -4.16 22.14 -18.09
N ILE B 293 -4.10 21.01 -17.41
CA ILE B 293 -3.77 19.74 -18.07
C ILE B 293 -5.04 19.04 -18.58
N PRO B 294 -5.13 18.82 -19.90
CA PRO B 294 -6.22 17.96 -20.39
C PRO B 294 -6.05 16.55 -19.87
N TRP B 295 -7.11 16.00 -19.29
CA TRP B 295 -7.02 14.71 -18.60
C TRP B 295 -6.80 13.55 -19.56
N ASN B 296 -5.66 12.88 -19.40
CA ASN B 296 -5.35 11.66 -20.12
C ASN B 296 -6.19 10.51 -19.57
N PRO B 297 -7.16 10.01 -20.37
CA PRO B 297 -8.09 9.02 -19.85
C PRO B 297 -7.48 7.63 -19.75
N PHE B 298 -7.83 6.91 -18.69
CA PHE B 298 -7.47 5.50 -18.55
C PHE B 298 -8.72 4.70 -18.18
N PRO B 299 -8.77 3.42 -18.58
CA PRO B 299 -9.98 2.62 -18.31
C PRO B 299 -10.25 2.42 -16.81
N GLY B 300 -11.53 2.39 -16.45
CA GLY B 300 -11.94 2.18 -15.06
C GLY B 300 -12.49 3.44 -14.41
N ALA B 301 -11.85 4.57 -14.67
CA ALA B 301 -12.21 5.85 -14.04
C ALA B 301 -13.61 6.33 -14.45
N PRO B 302 -14.34 6.97 -13.51
CA PRO B 302 -15.69 7.47 -13.78
C PRO B 302 -15.74 8.87 -14.42
N TYR B 303 -14.59 9.44 -14.77
CA TYR B 303 -14.53 10.79 -15.34
C TYR B 303 -14.27 10.77 -16.84
N GLY B 304 -14.39 11.95 -17.46
CA GLY B 304 -14.11 12.12 -18.87
C GLY B 304 -13.28 13.38 -19.09
N ARG B 305 -12.60 13.46 -20.23
CA ARG B 305 -11.83 14.64 -20.59
C ARG B 305 -12.78 15.77 -20.99
N SER B 306 -12.42 17.00 -20.63
CA SER B 306 -13.23 18.17 -20.96
C SER B 306 -13.26 18.40 -22.47
N SER B 307 -14.42 18.80 -22.97
CA SER B 307 -14.58 19.11 -24.39
C SER B 307 -13.71 20.31 -24.77
N ASN B 308 -13.46 20.45 -26.07
CA ASN B 308 -12.57 21.51 -26.57
C ASN B 308 -13.04 22.91 -26.18
N SER B 309 -14.33 23.17 -26.34
CA SER B 309 -14.90 24.48 -26.04
C SER B 309 -14.76 24.87 -24.55
N ARG B 310 -15.10 23.94 -23.66
CA ARG B 310 -15.12 24.21 -22.22
C ARG B 310 -13.75 24.56 -21.63
N ILE B 311 -12.69 24.00 -22.19
CA ILE B 311 -11.32 24.33 -21.75
C ILE B 311 -10.95 25.76 -22.15
N ASP B 312 -11.33 26.16 -23.36
CA ASP B 312 -11.07 27.53 -23.83
C ASP B 312 -11.70 28.55 -22.90
N ARG B 313 -13.00 28.38 -22.66
CA ARG B 313 -13.79 29.29 -21.84
C ARG B 313 -13.28 29.34 -20.39
N PHE B 314 -12.75 28.22 -19.90
CA PHE B 314 -12.10 28.17 -18.59
C PHE B 314 -10.79 28.97 -18.61
N SER B 315 -10.01 28.77 -19.67
CA SER B 315 -8.73 29.47 -19.85
C SER B 315 -8.92 30.96 -20.06
N LYS B 316 -9.98 31.34 -20.77
CA LYS B 316 -10.27 32.75 -21.05
C LYS B 316 -10.65 33.52 -19.80
N VAL B 317 -11.31 32.87 -18.86
CA VAL B 317 -11.68 33.49 -17.57
C VAL B 317 -10.43 33.88 -16.80
N LEU B 318 -9.54 32.92 -16.61
CA LEU B 318 -8.31 33.14 -15.83
C LEU B 318 -7.43 34.22 -16.47
N MET B 319 -7.30 34.18 -17.80
CA MET B 319 -6.46 35.14 -18.52
C MET B 319 -7.00 36.57 -18.47
N SER B 320 -8.33 36.72 -18.42
CA SER B 320 -8.94 38.03 -18.27
C SER B 320 -8.71 38.62 -16.87
N TYR B 321 -8.57 37.76 -15.87
CA TYR B 321 -8.17 38.19 -14.53
C TYR B 321 -6.68 38.56 -14.47
N GLY B 322 -5.91 38.14 -15.46
CA GLY B 322 -4.50 38.50 -15.59
C GLY B 322 -3.51 37.37 -15.34
N PHE B 323 -4.00 36.21 -14.92
CA PHE B 323 -3.14 35.06 -14.61
C PHE B 323 -2.41 34.52 -15.83
N THR B 324 -1.18 34.06 -15.63
CA THR B 324 -0.45 33.35 -16.67
C THR B 324 -1.01 31.94 -16.74
N THR B 325 -1.46 31.52 -17.92
CA THR B 325 -2.05 30.19 -18.09
C THR B 325 -1.62 29.53 -19.40
N ILE B 326 -1.12 28.31 -19.30
CA ILE B 326 -0.75 27.50 -20.46
C ILE B 326 -1.52 26.19 -20.41
N VAL B 327 -1.85 25.66 -21.59
CA VAL B 327 -2.50 24.36 -21.72
C VAL B 327 -1.48 23.36 -22.27
N ARG B 328 -1.20 22.32 -21.49
CA ARG B 328 -0.20 21.32 -21.87
C ARG B 328 -0.75 20.37 -22.94
N LYS B 329 0.09 20.02 -23.91
CA LYS B 329 -0.29 19.07 -24.96
C LYS B 329 -0.39 17.66 -24.40
N THR B 330 -1.28 16.86 -25.00
CA THR B 330 -1.37 15.44 -24.69
C THR B 330 -0.28 14.70 -25.49
N ARG B 331 0.91 14.66 -24.91
CA ARG B 331 2.10 14.15 -25.60
C ARG B 331 2.08 12.62 -25.68
N GLY B 332 2.88 12.08 -26.60
CA GLY B 332 2.96 10.63 -26.79
C GLY B 332 1.80 10.10 -27.62
#